data_6VHX
#
_entry.id   6VHX
#
_cell.length_a   77.073
_cell.length_b   60.233
_cell.length_c   79.960
_cell.angle_alpha   90.000
_cell.angle_beta   101.550
_cell.angle_gamma   90.000
#
_symmetry.space_group_name_H-M   'P 1 21 1'
#
loop_
_entity.id
_entity.type
_entity.pdbx_description
1 polymer 'NpsA Adenylation Domain'
2 non-polymer "5'-{[(2-amino-3-hydroxybenzene-1-carbonyl)sulfamoyl]amino}-5'-deoxyadenosine"
3 non-polymer 'BROMIDE ION'
4 non-polymer 'CHLORIDE ION'
5 non-polymer '4-(2-HYDROXYETHYL)-1-PIPERAZINE ETHANESULFONIC ACID'
6 non-polymer DI(HYDROXYETHYL)ETHER
7 water water
#
_entity_poly.entity_id   1
_entity_poly.type   'polypeptide(L)'
_entity_poly.pdbx_seq_one_letter_code
;GHMTHSAYVYQLKAVPDIFDEISQRFPDRVALIFDQRKITYRELAEQCSALAAVLQNNCLIKGDIVAIKIERSPELYIFM
LALMKIGAVMVPVNSNSPERYIGEVLSAAGARYLISDDVTSVPGGAWHVLSSRTLIQNCTQQRSGNYPVLSADDPALILM
TSGSTGKPKSVLIAHRGIARLGLPVPALGNSERDCYLQIADISFAASANEIWMALLTGACLTIAPPGLPDLMALARQIES
DNVTMLFLSGGLFRLFVEVSVETLHIPDCVVVSGDFVNPRLFSVAVQAGKAKIFNGLGCTENSAISSLYHIQSAAALSSE
SPVPVGTPLPLVEMVVFNERLQPCTCGEYGELFIAGAGVALGYSDPQLTAERFITIPYQGTDMLFYRTDDRATYDQDRNI
VLVGRG
;
_entity_poly.pdbx_strand_id   A,B
#
loop_
_chem_comp.id
_chem_comp.type
_chem_comp.name
_chem_comp.formula
BR non-polymer 'BROMIDE ION' 'Br -1'
CL non-polymer 'CHLORIDE ION' 'Cl -1'
EPE non-polymer '4-(2-HYDROXYETHYL)-1-PIPERAZINE ETHANESULFONIC ACID' 'C8 H18 N2 O4 S'
PEG non-polymer DI(HYDROXYETHYL)ETHER 'C4 H10 O3'
QXG non-polymer 5'-{[(2-amino-3-hydroxybenzene-1-carbonyl)sulfamoyl]amino}-5'-deoxyadenosine 'C17 H20 N8 O7 S'
#
# COMPACT_ATOMS: atom_id res chain seq x y z
N HIS A 5 34.34 20.92 -7.52
CA HIS A 5 33.26 20.84 -8.50
C HIS A 5 33.78 20.29 -9.84
N SER A 6 34.27 19.06 -9.83
CA SER A 6 34.93 18.49 -10.99
C SER A 6 33.93 18.00 -12.03
N ALA A 7 34.26 18.22 -13.30
CA ALA A 7 33.43 17.78 -14.42
C ALA A 7 33.69 16.34 -14.83
N TYR A 8 34.71 15.69 -14.28
CA TYR A 8 34.94 14.27 -14.53
C TYR A 8 33.91 13.51 -13.71
N VAL A 9 32.91 12.94 -14.38
CA VAL A 9 31.76 12.44 -13.63
C VAL A 9 32.12 11.25 -12.76
N TYR A 10 33.16 10.49 -13.13
CA TYR A 10 33.55 9.35 -12.30
C TYR A 10 34.30 9.76 -11.04
N GLN A 11 34.67 11.03 -10.90
CA GLN A 11 35.44 11.48 -9.74
C GLN A 11 34.46 11.94 -8.66
N LEU A 12 34.27 11.12 -7.63
CA LEU A 12 33.31 11.42 -6.56
C LEU A 12 34.03 11.79 -5.26
N LYS A 13 33.41 12.69 -4.51
CA LYS A 13 33.86 13.10 -3.18
C LYS A 13 33.06 12.39 -2.11
N ALA A 14 33.49 12.54 -0.87
CA ALA A 14 32.67 12.14 0.25
C ALA A 14 31.42 13.02 0.34
N VAL A 15 30.40 12.49 1.01
CA VAL A 15 29.12 13.21 1.13
C VAL A 15 29.28 14.63 1.66
N PRO A 16 30.01 14.88 2.76
CA PRO A 16 30.05 16.26 3.28
C PRO A 16 30.70 17.23 2.31
N ASP A 17 31.65 16.78 1.50
CA ASP A 17 32.30 17.70 0.56
C ASP A 17 31.34 18.08 -0.57
N ILE A 18 30.56 17.13 -1.06
CA ILE A 18 29.54 17.43 -2.06
C ILE A 18 28.51 18.39 -1.48
N PHE A 19 28.05 18.12 -0.25
CA PHE A 19 27.05 19.00 0.36
C PHE A 19 27.59 20.41 0.58
N ASP A 20 28.85 20.53 1.04
CA ASP A 20 29.46 21.85 1.18
C ASP A 20 29.47 22.59 -0.15
N GLU A 21 29.85 21.88 -1.21
CA GLU A 21 29.83 22.44 -2.55
C GLU A 21 28.44 22.93 -2.93
N ILE A 22 27.44 22.07 -2.74
CA ILE A 22 26.06 22.41 -3.10
C ILE A 22 25.56 23.59 -2.26
N SER A 23 25.86 23.59 -0.96
CA SER A 23 25.34 24.64 -0.09
C SER A 23 25.97 25.99 -0.40
N GLN A 24 27.17 25.99 -0.98
CA GLN A 24 27.82 27.23 -1.38
C GLN A 24 27.25 27.76 -2.70
N ARG A 25 26.88 26.85 -3.60
CA ARG A 25 26.37 27.22 -4.91
C ARG A 25 24.90 27.60 -4.87
N PHE A 26 24.13 27.02 -3.93
CA PHE A 26 22.68 27.26 -3.87
C PHE A 26 22.25 27.67 -2.46
N PRO A 27 22.94 28.65 -1.84
CA PRO A 27 22.69 28.91 -0.42
C PRO A 27 21.28 29.42 -0.13
N ASP A 28 20.61 30.02 -1.10
CA ASP A 28 19.28 30.56 -0.88
C ASP A 28 18.16 29.65 -1.39
N ARG A 29 18.49 28.46 -1.89
CA ARG A 29 17.46 27.49 -2.22
C ARG A 29 17.00 26.80 -0.94
N VAL A 30 15.75 26.36 -0.95
CA VAL A 30 15.18 25.63 0.17
C VAL A 30 15.65 24.18 0.13
N ALA A 31 16.26 23.72 1.23
CA ALA A 31 16.73 22.35 1.35
C ALA A 31 15.72 21.46 2.05
N LEU A 32 15.07 21.94 3.11
CA LEU A 32 14.18 21.10 3.90
C LEU A 32 12.88 21.83 4.15
N ILE A 33 11.78 21.07 4.12
CA ILE A 33 10.46 21.52 4.54
C ILE A 33 9.91 20.48 5.51
N PHE A 34 9.45 20.94 6.66
CA PHE A 34 8.72 20.09 7.60
C PHE A 34 7.52 20.90 8.09
N ASP A 35 6.32 20.38 7.83
CA ASP A 35 5.07 21.11 8.06
C ASP A 35 5.15 22.43 7.30
N GLN A 36 5.23 23.55 8.01
CA GLN A 36 5.43 24.83 7.34
C GLN A 36 6.78 25.47 7.69
N ARG A 37 7.69 24.71 8.28
CA ARG A 37 9.03 25.17 8.59
C ARG A 37 9.94 24.87 7.41
N LYS A 38 10.63 25.88 6.90
CA LYS A 38 11.47 25.73 5.73
C LYS A 38 12.88 26.23 6.04
N ILE A 39 13.88 25.52 5.54
CA ILE A 39 15.27 25.75 5.89
C ILE A 39 16.09 25.79 4.60
N THR A 40 16.76 26.91 4.35
CA THR A 40 17.62 27.05 3.18
C THR A 40 18.90 26.23 3.34
N TYR A 41 19.59 26.03 2.21
CA TYR A 41 20.90 25.38 2.28
C TYR A 41 21.86 26.15 3.17
N ARG A 42 21.83 27.50 3.12
CA ARG A 42 22.75 28.27 3.94
C ARG A 42 22.56 27.96 5.43
N GLU A 43 21.30 27.94 5.88
CA GLU A 43 21.00 27.67 7.29
C GLU A 43 21.32 26.22 7.64
N LEU A 44 20.98 25.30 6.73
CA LEU A 44 21.27 23.89 6.96
C LEU A 44 22.76 23.67 7.12
N ALA A 45 23.57 24.29 6.26
CA ALA A 45 25.01 24.13 6.37
C ALA A 45 25.52 24.71 7.67
N GLU A 46 24.93 25.82 8.13
CA GLU A 46 25.30 26.36 9.44
C GLU A 46 24.92 25.41 10.56
N GLN A 47 23.72 24.82 10.51
CA GLN A 47 23.33 23.89 11.56
C GLN A 47 24.17 22.62 11.52
N CYS A 48 24.46 22.10 10.31
CA CYS A 48 25.31 20.92 10.17
C CYS A 48 26.67 21.14 10.82
N SER A 49 27.29 22.28 10.51
CA SER A 49 28.63 22.54 11.04
C SER A 49 28.62 22.74 12.54
N ALA A 50 27.63 23.46 13.06
CA ALA A 50 27.54 23.66 14.51
C ALA A 50 27.37 22.34 15.23
N LEU A 51 26.54 21.45 14.68
CA LEU A 51 26.31 20.16 15.31
C LEU A 51 27.52 19.27 15.19
N ALA A 52 28.22 19.33 14.05
CA ALA A 52 29.43 18.51 13.90
C ALA A 52 30.46 18.88 14.94
N ALA A 53 30.58 20.17 15.25
CA ALA A 53 31.53 20.61 16.27
C ALA A 53 31.11 20.10 17.65
N VAL A 54 29.81 20.09 17.94
CA VAL A 54 29.32 19.54 19.20
C VAL A 54 29.64 18.05 19.30
N LEU A 55 29.41 17.31 18.21
CA LEU A 55 29.67 15.88 18.22
C LEU A 55 31.16 15.60 18.41
N GLN A 56 32.03 16.36 17.74
CA GLN A 56 33.46 16.14 17.92
C GLN A 56 33.87 16.42 19.36
N ASN A 57 33.30 17.46 19.97
CA ASN A 57 33.58 17.77 21.36
C ASN A 57 32.91 16.81 22.34
N ASN A 58 32.02 15.94 21.88
CA ASN A 58 31.57 14.81 22.67
C ASN A 58 32.39 13.55 22.40
N CYS A 59 33.58 13.73 21.81
CA CYS A 59 34.54 12.66 21.55
C CYS A 59 34.04 11.65 20.52
N LEU A 60 33.15 12.05 19.61
CA LEU A 60 32.77 11.19 18.50
C LEU A 60 33.72 11.45 17.34
N ILE A 61 34.33 10.39 16.79
CA ILE A 61 35.38 10.57 15.79
C ILE A 61 35.12 9.68 14.60
N LYS A 62 35.92 9.89 13.56
CA LYS A 62 35.83 9.10 12.34
C LYS A 62 35.86 7.61 12.67
N GLY A 63 34.92 6.88 12.09
CA GLY A 63 34.82 5.45 12.27
C GLY A 63 34.01 4.99 13.46
N ASP A 64 33.64 5.89 14.38
CA ASP A 64 32.72 5.51 15.45
C ASP A 64 31.39 5.02 14.85
N ILE A 65 30.85 3.94 15.42
CA ILE A 65 29.59 3.39 14.94
C ILE A 65 28.46 4.01 15.76
N VAL A 66 27.60 4.80 15.10
CA VAL A 66 26.65 5.68 15.78
C VAL A 66 25.27 5.40 15.23
N ALA A 67 24.43 4.78 16.03
CA ALA A 67 23.04 4.56 15.65
C ALA A 67 22.21 5.83 15.79
N ILE A 68 21.19 5.96 14.95
CA ILE A 68 20.30 7.11 15.01
C ILE A 68 18.86 6.62 15.06
N LYS A 69 18.13 7.04 16.09
CA LYS A 69 16.68 6.79 16.17
C LYS A 69 16.03 8.15 16.40
N ILE A 70 15.72 8.85 15.32
CA ILE A 70 15.15 10.20 15.35
C ILE A 70 13.99 10.20 14.37
N GLU A 71 12.80 10.55 14.85
CA GLU A 71 11.64 10.66 13.98
C GLU A 71 11.87 11.70 12.89
N ARG A 72 11.16 11.52 11.77
CA ARG A 72 11.20 12.52 10.71
C ARG A 72 10.95 13.92 11.25
N SER A 73 11.80 14.85 10.85
CA SER A 73 12.01 16.17 11.43
C SER A 73 13.21 16.78 10.75
N PRO A 74 13.33 18.10 10.69
CA PRO A 74 14.56 18.67 10.12
C PRO A 74 15.79 18.21 10.87
N GLU A 75 15.67 17.99 12.19
CA GLU A 75 16.85 17.62 12.98
C GLU A 75 17.42 16.26 12.57
N LEU A 76 16.58 15.34 12.09
CA LEU A 76 17.07 14.04 11.64
C LEU A 76 18.13 14.20 10.57
N TYR A 77 17.89 15.06 9.59
CA TYR A 77 18.82 15.22 8.48
C TYR A 77 20.01 16.08 8.86
N ILE A 78 19.82 17.03 9.78
CA ILE A 78 20.98 17.73 10.35
C ILE A 78 21.94 16.74 11.01
N PHE A 79 21.40 15.78 11.77
CA PHE A 79 22.27 14.77 12.37
C PHE A 79 22.95 13.90 11.33
N MET A 80 22.23 13.49 10.28
CA MET A 80 22.88 12.70 9.24
C MET A 80 24.05 13.46 8.64
N LEU A 81 23.84 14.73 8.29
CA LEU A 81 24.92 15.50 7.67
C LEU A 81 26.09 15.72 8.63
N ALA A 82 25.80 15.99 9.91
CA ALA A 82 26.88 16.19 10.86
C ALA A 82 27.68 14.92 11.08
N LEU A 83 26.99 13.77 11.21
CA LEU A 83 27.70 12.50 11.38
C LEU A 83 28.56 12.19 10.17
N MET A 84 28.06 12.47 8.96
CA MET A 84 28.88 12.27 7.77
C MET A 84 30.11 13.17 7.80
N LYS A 85 29.95 14.41 8.27
CA LYS A 85 31.04 15.38 8.27
C LYS A 85 32.16 14.95 9.22
N ILE A 86 31.83 14.30 10.33
CA ILE A 86 32.89 13.85 11.23
C ILE A 86 33.38 12.45 10.91
N GLY A 87 32.80 11.79 9.91
CA GLY A 87 33.26 10.47 9.50
C GLY A 87 32.69 9.34 10.31
N ALA A 88 31.65 9.57 11.10
CA ALA A 88 31.03 8.47 11.81
C ALA A 88 30.27 7.56 10.82
N VAL A 89 30.09 6.31 11.23
CA VAL A 89 29.35 5.33 10.46
C VAL A 89 27.95 5.26 11.08
N MET A 90 26.95 5.74 10.33
CA MET A 90 25.58 5.80 10.83
C MET A 90 24.88 4.45 10.79
N VAL A 91 24.13 4.15 11.83
CA VAL A 91 23.23 3.00 11.82
C VAL A 91 21.80 3.50 12.01
N PRO A 92 21.08 3.81 10.93
CA PRO A 92 19.70 4.29 11.11
C PRO A 92 18.78 3.15 11.54
N VAL A 93 17.89 3.51 12.46
CA VAL A 93 17.01 2.58 13.15
C VAL A 93 15.58 2.95 12.79
N ASN A 94 14.75 1.95 12.60
CA ASN A 94 13.33 2.17 12.30
C ASN A 94 12.62 2.53 13.60
N SER A 95 12.13 3.78 13.70
CA SER A 95 11.38 4.17 14.88
C SER A 95 10.08 3.39 15.05
N ASN A 96 9.61 2.68 14.02
CA ASN A 96 8.38 1.92 14.13
C ASN A 96 8.60 0.45 14.51
N SER A 97 9.79 0.12 15.01
CA SER A 97 10.25 -1.24 15.34
C SER A 97 10.19 -1.50 16.84
N PRO A 98 9.87 -2.73 17.24
CA PRO A 98 9.92 -3.07 18.67
C PRO A 98 11.32 -2.88 19.22
N GLU A 99 11.36 -2.34 20.46
CA GLU A 99 12.64 -2.10 21.14
C GLU A 99 13.53 -3.34 21.09
N ARG A 100 12.93 -4.50 21.34
CA ARG A 100 13.55 -5.80 21.16
C ARG A 100 14.34 -5.92 19.85
N TYR A 101 13.67 -5.64 18.73
N TYR A 101 13.68 -5.61 18.74
CA TYR A 101 14.35 -5.79 17.44
CA TYR A 101 14.29 -5.77 17.43
C TYR A 101 15.44 -4.75 17.27
C TYR A 101 15.39 -4.73 17.21
N ILE A 102 15.19 -3.52 17.73
CA ILE A 102 16.21 -2.48 17.64
C ILE A 102 17.47 -2.91 18.35
N GLY A 103 17.33 -3.54 19.53
CA GLY A 103 18.49 -4.03 20.25
C GLY A 103 19.28 -5.05 19.45
N GLU A 104 18.57 -5.91 18.71
CA GLU A 104 19.25 -6.88 17.86
C GLU A 104 20.00 -6.21 16.72
N VAL A 105 19.41 -5.14 16.16
CA VAL A 105 20.10 -4.38 15.12
C VAL A 105 21.34 -3.70 15.69
N LEU A 106 21.20 -2.99 16.82
CA LEU A 106 22.34 -2.32 17.44
C LEU A 106 23.44 -3.31 17.78
N SER A 107 23.05 -4.49 18.27
CA SER A 107 24.04 -5.52 18.60
C SER A 107 24.75 -6.01 17.35
N ALA A 108 23.99 -6.34 16.30
CA ALA A 108 24.60 -6.83 15.06
C ALA A 108 25.48 -5.77 14.41
N ALA A 109 25.15 -4.49 14.56
CA ALA A 109 25.94 -3.45 13.94
C ALA A 109 27.20 -3.09 14.73
N GLY A 110 27.30 -3.50 15.99
CA GLY A 110 28.39 -3.04 16.82
C GLY A 110 28.30 -1.58 17.24
N ALA A 111 27.09 -1.05 17.36
CA ALA A 111 26.91 0.35 17.71
C ALA A 111 27.46 0.65 19.09
N ARG A 112 28.28 1.69 19.18
CA ARG A 112 28.80 2.17 20.45
C ARG A 112 27.90 3.23 21.05
N TYR A 113 27.19 3.98 20.21
CA TYR A 113 26.31 5.06 20.62
C TYR A 113 24.97 4.92 19.94
N LEU A 114 23.93 5.40 20.62
CA LEU A 114 22.60 5.54 20.04
C LEU A 114 22.13 6.96 20.32
N ILE A 115 21.97 7.75 19.26
CA ILE A 115 21.42 9.10 19.36
C ILE A 115 19.92 9.01 19.14
N SER A 116 19.15 9.51 20.12
CA SER A 116 17.71 9.27 20.11
C SER A 116 16.96 10.52 20.48
N ASP A 117 15.82 10.75 19.83
CA ASP A 117 14.95 11.85 20.23
C ASP A 117 13.99 11.45 21.35
N ASP A 118 14.08 10.22 21.84
CA ASP A 118 13.24 9.79 22.97
C ASP A 118 14.02 8.72 23.73
N VAL A 119 14.84 9.16 24.69
CA VAL A 119 15.78 8.28 25.38
C VAL A 119 15.06 7.33 26.33
N THR A 120 13.73 7.46 26.44
CA THR A 120 12.96 6.52 27.26
C THR A 120 12.52 5.30 26.48
N SER A 121 12.32 5.42 25.17
CA SER A 121 11.85 4.30 24.34
C SER A 121 12.98 3.73 23.50
N VAL A 122 14.09 3.38 24.14
CA VAL A 122 15.21 2.76 23.45
C VAL A 122 15.67 1.53 24.23
N PRO A 123 16.23 0.51 23.58
CA PRO A 123 16.74 -0.64 24.32
C PRO A 123 18.02 -0.28 25.08
N GLY A 124 18.16 -0.90 26.25
CA GLY A 124 19.43 -0.84 26.94
C GLY A 124 20.42 -1.83 26.38
N GLY A 125 21.69 -1.58 26.63
CA GLY A 125 22.71 -2.49 26.15
C GLY A 125 24.09 -1.89 26.28
N ALA A 126 25.01 -2.41 25.46
CA ALA A 126 26.39 -1.98 25.51
C ALA A 126 26.56 -0.55 25.03
N TRP A 127 25.65 -0.08 24.19
CA TRP A 127 25.74 1.25 23.61
C TRP A 127 25.38 2.32 24.63
N HIS A 128 25.92 3.51 24.43
CA HIS A 128 25.59 4.65 25.28
C HIS A 128 24.61 5.55 24.56
N VAL A 129 23.55 5.93 25.26
CA VAL A 129 22.45 6.66 24.67
C VAL A 129 22.70 8.16 24.81
N LEU A 130 22.58 8.89 23.70
CA LEU A 130 22.73 10.33 23.66
C LEU A 130 21.42 10.96 23.23
N SER A 131 21.07 12.09 23.84
CA SER A 131 19.82 12.77 23.50
C SER A 131 20.03 13.68 22.30
N SER A 132 19.28 13.43 21.22
CA SER A 132 19.33 14.34 20.09
C SER A 132 18.89 15.73 20.50
N ARG A 133 17.94 15.84 21.44
CA ARG A 133 17.42 17.13 21.86
C ARG A 133 18.48 17.92 22.61
N THR A 134 19.18 17.28 23.53
CA THR A 134 20.22 17.99 24.28
C THR A 134 21.35 18.43 23.36
N LEU A 135 21.83 17.54 22.49
CA LEU A 135 22.93 17.88 21.59
C LEU A 135 22.57 19.06 20.68
N ILE A 136 21.35 19.11 20.18
CA ILE A 136 20.92 20.22 19.34
C ILE A 136 20.93 21.53 20.12
N GLN A 137 20.52 21.48 21.39
N GLN A 137 20.51 21.49 21.38
CA GLN A 137 20.48 22.68 22.21
CA GLN A 137 20.48 22.70 22.20
C GLN A 137 21.88 23.24 22.46
C GLN A 137 21.89 23.26 22.42
N ASN A 138 22.90 22.39 22.50
CA ASN A 138 24.26 22.83 22.79
C ASN A 138 24.96 23.44 21.57
N CYS A 139 24.30 23.52 20.42
CA CYS A 139 24.92 24.17 19.27
C CYS A 139 25.15 25.65 19.54
N THR A 140 26.37 26.11 19.29
CA THR A 140 26.76 27.51 19.42
C THR A 140 27.22 28.01 18.05
N ARG A 143 32.41 26.76 16.26
CA ARG A 143 33.38 25.88 16.95
C ARG A 143 34.16 25.06 15.92
N SER A 144 33.86 25.26 14.65
CA SER A 144 33.99 24.21 13.64
C SER A 144 35.34 24.24 12.93
N GLY A 145 36.03 23.11 12.96
CA GLY A 145 37.28 22.95 12.24
C GLY A 145 37.92 21.62 12.56
N ASN A 146 38.99 21.32 11.81
CA ASN A 146 39.76 20.08 11.98
C ASN A 146 38.86 18.86 11.81
N TYR A 147 38.11 18.85 10.74
CA TYR A 147 37.36 17.67 10.38
C TYR A 147 38.20 16.75 9.52
N PRO A 148 37.84 15.47 9.46
CA PRO A 148 38.66 14.51 8.72
C PRO A 148 38.59 14.74 7.22
N VAL A 149 39.68 14.39 6.54
CA VAL A 149 39.73 14.38 5.08
C VAL A 149 39.16 13.04 4.64
N LEU A 150 37.90 13.04 4.23
CA LEU A 150 37.21 11.81 3.93
C LEU A 150 37.40 11.44 2.46
N SER A 151 37.44 10.14 2.21
CA SER A 151 37.51 9.63 0.84
C SER A 151 36.17 8.99 0.48
N ALA A 152 35.88 8.96 -0.82
CA ALA A 152 34.63 8.36 -1.29
C ALA A 152 34.48 6.92 -0.81
N ASP A 153 35.59 6.21 -0.53
CA ASP A 153 35.49 4.83 -0.11
C ASP A 153 35.43 4.65 1.41
N ASP A 154 35.49 5.74 2.19
CA ASP A 154 35.27 5.59 3.62
C ASP A 154 33.83 5.14 3.90
N PRO A 155 33.63 4.38 4.98
CA PRO A 155 32.27 3.90 5.30
C PRO A 155 31.38 5.03 5.77
N ALA A 156 30.13 4.99 5.34
CA ALA A 156 29.15 6.00 5.73
C ALA A 156 28.01 5.44 6.55
N LEU A 157 27.48 4.25 6.21
CA LEU A 157 26.37 3.73 6.99
C LEU A 157 26.39 2.22 7.01
N ILE A 158 25.63 1.67 7.96
CA ILE A 158 25.35 0.24 8.06
C ILE A 158 23.84 0.07 7.93
N LEU A 159 23.42 -0.73 6.96
CA LEU A 159 22.01 -1.05 6.76
C LEU A 159 21.81 -2.56 6.85
N MET A 160 20.66 -2.97 7.37
CA MET A 160 20.32 -4.38 7.51
C MET A 160 19.52 -4.84 6.29
N THR A 161 19.73 -6.08 5.88
CA THR A 161 18.91 -6.63 4.80
C THR A 161 18.73 -8.12 5.00
N SER A 162 18.02 -8.76 4.06
CA SER A 162 17.82 -10.19 4.08
C SER A 162 18.03 -10.74 2.68
N GLY A 163 18.55 -11.96 2.61
CA GLY A 163 18.60 -12.70 1.38
C GLY A 163 17.21 -13.18 0.99
N SER A 164 17.15 -13.82 -0.18
CA SER A 164 15.86 -14.26 -0.70
C SER A 164 15.24 -15.33 0.18
N THR A 165 16.05 -16.09 0.93
CA THR A 165 15.54 -17.14 1.80
C THR A 165 15.67 -16.76 3.28
N GLY A 166 15.71 -15.46 3.57
CA GLY A 166 15.55 -14.97 4.93
C GLY A 166 16.81 -14.70 5.72
N LYS A 167 18.00 -14.95 5.17
CA LYS A 167 19.20 -14.77 5.97
C LYS A 167 19.47 -13.29 6.23
N PRO A 168 19.57 -12.86 7.49
CA PRO A 168 19.82 -11.45 7.78
C PRO A 168 21.27 -11.08 7.54
N LYS A 169 21.49 -9.85 7.07
CA LYS A 169 22.82 -9.41 6.69
C LYS A 169 23.03 -7.96 7.07
N SER A 170 24.26 -7.65 7.49
CA SER A 170 24.66 -6.29 7.83
C SER A 170 25.56 -5.76 6.71
N VAL A 171 25.13 -4.69 6.05
CA VAL A 171 25.75 -4.17 4.83
C VAL A 171 26.44 -2.85 5.14
N LEU A 172 27.73 -2.76 4.83
CA LEU A 172 28.50 -1.55 5.06
C LEU A 172 28.55 -0.75 3.76
N ILE A 173 28.04 0.48 3.81
CA ILE A 173 27.85 1.31 2.62
C ILE A 173 28.89 2.41 2.64
N ALA A 174 29.55 2.62 1.50
CA ALA A 174 30.57 3.65 1.37
C ALA A 174 29.94 4.99 1.02
N HIS A 175 30.63 6.07 1.38
CA HIS A 175 30.23 7.39 0.93
C HIS A 175 29.88 7.41 -0.56
N ARG A 176 30.72 6.81 -1.41
CA ARG A 176 30.49 6.87 -2.85
C ARG A 176 29.14 6.28 -3.25
N GLY A 177 28.62 5.31 -2.50
CA GLY A 177 27.37 4.67 -2.89
C GLY A 177 26.19 5.62 -2.84
N ILE A 178 26.24 6.61 -1.96
CA ILE A 178 25.21 7.63 -1.93
C ILE A 178 25.66 8.93 -2.56
N ALA A 179 26.98 9.23 -2.56
CA ALA A 179 27.48 10.44 -3.22
C ALA A 179 27.19 10.45 -4.73
N ARG A 180 27.09 9.29 -5.37
CA ARG A 180 26.74 9.22 -6.78
C ARG A 180 25.37 9.83 -7.09
N LEU A 181 24.50 9.92 -6.10
CA LEU A 181 23.17 10.48 -6.30
C LEU A 181 23.19 11.99 -6.52
N GLY A 182 24.35 12.62 -6.38
CA GLY A 182 24.53 13.99 -6.80
C GLY A 182 24.66 14.19 -8.29
N LEU A 183 24.85 13.11 -9.04
CA LEU A 183 24.89 13.22 -10.50
C LEU A 183 23.47 13.19 -11.05
N PRO A 184 23.05 14.21 -11.79
CA PRO A 184 21.70 14.19 -12.37
C PRO A 184 21.47 12.93 -13.19
N VAL A 185 20.29 12.34 -13.06
CA VAL A 185 19.94 11.10 -13.74
C VAL A 185 19.28 11.47 -15.05
N PRO A 186 19.90 11.20 -16.20
CA PRO A 186 19.29 11.60 -17.50
C PRO A 186 17.87 11.14 -17.70
N ALA A 187 17.50 9.92 -17.29
CA ALA A 187 16.13 9.46 -17.45
C ALA A 187 15.15 10.31 -16.66
N LEU A 188 15.57 10.86 -15.52
CA LEU A 188 14.68 11.67 -14.69
C LEU A 188 14.69 13.14 -15.09
N GLY A 189 15.81 13.63 -15.60
CA GLY A 189 15.95 15.06 -15.87
C GLY A 189 15.97 15.92 -14.63
N ASN A 190 16.40 15.37 -13.50
CA ASN A 190 16.34 16.11 -12.25
C ASN A 190 17.44 17.16 -12.17
N SER A 191 17.21 18.14 -11.31
CA SER A 191 18.14 19.24 -11.10
C SER A 191 17.86 19.85 -9.73
N GLU A 192 18.45 21.01 -9.47
CA GLU A 192 18.19 21.72 -8.23
C GLU A 192 16.77 22.28 -8.16
N ARG A 193 16.06 22.33 -9.29
CA ARG A 193 14.71 22.87 -9.32
C ARG A 193 13.67 21.89 -8.78
N ASP A 194 14.03 20.64 -8.51
CA ASP A 194 13.07 19.63 -8.15
C ASP A 194 12.79 19.58 -6.65
N CYS A 195 11.79 18.78 -6.30
CA CYS A 195 11.39 18.63 -4.91
C CYS A 195 11.06 17.16 -4.68
N TYR A 196 11.59 16.62 -3.60
CA TYR A 196 11.48 15.21 -3.26
C TYR A 196 10.65 15.06 -1.99
N LEU A 197 10.09 13.86 -1.78
CA LEU A 197 9.29 13.56 -0.60
C LEU A 197 9.96 12.47 0.21
N GLN A 198 10.32 12.80 1.46
CA GLN A 198 11.01 11.83 2.32
C GLN A 198 9.95 11.03 3.08
N ILE A 199 9.76 9.76 2.69
CA ILE A 199 8.73 8.91 3.28
C ILE A 199 9.27 7.52 3.57
N ALA A 200 10.24 7.04 2.78
CA ALA A 200 10.83 5.73 3.08
C ALA A 200 11.58 5.80 4.39
N ASP A 201 11.46 4.74 5.19
CA ASP A 201 12.11 4.75 6.50
C ASP A 201 13.64 4.83 6.36
N ILE A 202 14.28 5.48 7.33
CA ILE A 202 15.73 5.70 7.24
C ILE A 202 16.52 4.40 7.34
N SER A 203 15.93 3.35 7.92
CA SER A 203 16.58 2.06 8.04
C SER A 203 16.60 1.26 6.73
N PHE A 204 15.99 1.80 5.68
CA PHE A 204 15.84 1.13 4.39
C PHE A 204 16.68 1.92 3.38
N ALA A 205 17.43 1.20 2.54
CA ALA A 205 18.27 1.86 1.55
C ALA A 205 17.48 2.77 0.63
N ALA A 206 16.22 2.44 0.36
CA ALA A 206 15.41 3.30 -0.49
C ALA A 206 15.31 4.74 0.02
N SER A 207 15.47 4.98 1.32
CA SER A 207 15.42 6.36 1.80
C SER A 207 16.53 7.21 1.20
N ALA A 208 17.64 6.58 0.83
CA ALA A 208 18.74 7.34 0.23
C ALA A 208 18.30 8.02 -1.05
N ASN A 209 17.44 7.35 -1.84
CA ASN A 209 16.92 7.95 -3.07
C ASN A 209 16.35 9.32 -2.79
N GLU A 210 15.59 9.43 -1.71
CA GLU A 210 14.89 10.67 -1.40
C GLU A 210 15.85 11.69 -0.76
N ILE A 211 16.58 11.27 0.28
CA ILE A 211 17.41 12.20 1.04
C ILE A 211 18.53 12.78 0.17
N TRP A 212 19.34 11.90 -0.43
CA TRP A 212 20.57 12.39 -1.04
C TRP A 212 20.41 12.87 -2.47
N MET A 213 19.44 12.34 -3.24
CA MET A 213 19.17 12.96 -4.54
C MET A 213 18.71 14.41 -4.36
N ALA A 214 17.99 14.70 -3.28
CA ALA A 214 17.63 16.08 -2.97
C ALA A 214 18.83 16.88 -2.52
N LEU A 215 19.43 16.50 -1.39
CA LEU A 215 20.39 17.37 -0.71
C LEU A 215 21.75 17.44 -1.43
N LEU A 216 22.08 16.47 -2.28
CA LEU A 216 23.34 16.56 -3.00
C LEU A 216 23.16 17.18 -4.39
N THR A 217 21.96 17.65 -4.74
CA THR A 217 21.77 18.35 -6.01
C THR A 217 21.29 19.79 -5.87
N GLY A 218 21.00 20.26 -4.66
CA GLY A 218 20.42 21.57 -4.49
C GLY A 218 18.92 21.60 -4.55
N ALA A 219 18.27 20.44 -4.62
CA ALA A 219 16.82 20.33 -4.67
C ALA A 219 16.25 20.41 -3.26
N CYS A 220 14.92 20.41 -3.18
CA CYS A 220 14.19 20.53 -1.92
C CYS A 220 13.72 19.16 -1.44
N LEU A 221 13.87 18.92 -0.13
CA LEU A 221 13.33 17.71 0.49
C LEU A 221 12.18 18.12 1.41
N THR A 222 10.93 17.81 1.03
CA THR A 222 9.84 17.95 1.98
C THR A 222 9.66 16.62 2.71
N ILE A 223 9.40 16.71 4.02
CA ILE A 223 9.55 15.60 4.96
C ILE A 223 8.16 15.18 5.41
N ALA A 224 7.82 13.91 5.21
CA ALA A 224 6.51 13.43 5.61
C ALA A 224 6.44 13.40 7.14
N PRO A 225 5.24 13.50 7.71
CA PRO A 225 5.12 13.41 9.16
C PRO A 225 5.61 12.07 9.65
N PRO A 226 6.12 12.00 10.87
CA PRO A 226 6.60 10.72 11.41
C PRO A 226 5.46 9.73 11.57
N GLY A 227 5.82 8.45 11.62
CA GLY A 227 4.84 7.40 11.77
C GLY A 227 4.51 6.73 10.45
N LEU A 228 3.31 6.15 10.40
CA LEU A 228 2.88 5.39 9.25
C LEU A 228 2.29 6.32 8.18
N PRO A 229 2.27 5.89 6.91
CA PRO A 229 1.82 6.78 5.84
C PRO A 229 0.38 7.23 6.02
N ASP A 230 0.15 8.53 5.85
CA ASP A 230 -1.17 9.16 5.86
C ASP A 230 -1.41 9.65 4.44
N LEU A 231 -2.11 8.85 3.63
CA LEU A 231 -2.19 9.16 2.20
C LEU A 231 -2.91 10.48 1.96
N MET A 232 -3.88 10.83 2.80
CA MET A 232 -4.54 12.12 2.66
C MET A 232 -3.53 13.26 2.83
N ALA A 233 -2.73 13.19 3.89
CA ALA A 233 -1.74 14.24 4.13
C ALA A 233 -0.66 14.21 3.06
N LEU A 234 -0.23 13.01 2.65
CA LEU A 234 0.78 12.91 1.60
C LEU A 234 0.28 13.54 0.31
N ALA A 235 -0.98 13.29 -0.05
CA ALA A 235 -1.54 13.90 -1.25
C ALA A 235 -1.53 15.42 -1.13
N ARG A 236 -1.93 15.94 0.04
CA ARG A 236 -1.89 17.39 0.25
C ARG A 236 -0.46 17.92 0.24
N GLN A 237 0.48 17.17 0.83
CA GLN A 237 1.87 17.60 0.86
C GLN A 237 2.48 17.61 -0.54
N ILE A 238 2.18 16.60 -1.36
CA ILE A 238 2.72 16.55 -2.72
C ILE A 238 2.30 17.79 -3.50
N GLU A 239 1.02 18.17 -3.35
CA GLU A 239 0.52 19.34 -4.05
C GLU A 239 1.04 20.64 -3.42
N SER A 240 0.98 20.75 -2.09
CA SER A 240 1.29 22.05 -1.49
C SER A 240 2.78 22.37 -1.54
N ASP A 241 3.65 21.36 -1.54
CA ASP A 241 5.08 21.61 -1.63
C ASP A 241 5.64 21.35 -3.03
N ASN A 242 4.78 21.05 -4.01
CA ASN A 242 5.18 20.87 -5.40
C ASN A 242 6.25 19.79 -5.54
N VAL A 243 5.96 18.61 -4.99
CA VAL A 243 6.83 17.47 -5.22
C VAL A 243 6.86 17.17 -6.71
N THR A 244 8.07 17.07 -7.25
CA THR A 244 8.23 16.77 -8.66
C THR A 244 8.89 15.43 -8.93
N MET A 245 9.63 14.88 -7.95
CA MET A 245 10.25 13.56 -8.06
C MET A 245 9.73 12.70 -6.91
N LEU A 246 8.89 11.72 -7.23
CA LEU A 246 8.18 10.93 -6.22
C LEU A 246 8.65 9.48 -6.26
N PHE A 247 9.35 9.04 -5.19
CA PHE A 247 9.76 7.63 -5.07
C PHE A 247 8.75 6.89 -4.21
N LEU A 248 8.27 5.74 -4.69
CA LEU A 248 7.26 4.99 -3.96
C LEU A 248 7.68 3.54 -3.81
N SER A 249 7.35 2.96 -2.66
CA SER A 249 7.38 1.51 -2.52
C SER A 249 6.27 0.88 -3.35
N GLY A 250 6.34 -0.45 -3.52
CA GLY A 250 5.25 -1.15 -4.17
C GLY A 250 3.94 -1.00 -3.42
N GLY A 251 4.00 -0.92 -2.09
CA GLY A 251 2.78 -0.78 -1.32
C GLY A 251 2.16 0.60 -1.47
N LEU A 252 2.97 1.65 -1.36
CA LEU A 252 2.42 2.99 -1.50
C LEU A 252 1.92 3.23 -2.93
N PHE A 253 2.68 2.75 -3.92
CA PHE A 253 2.23 2.89 -5.30
C PHE A 253 0.90 2.18 -5.52
N ARG A 254 0.81 0.90 -5.13
CA ARG A 254 -0.42 0.15 -5.37
C ARG A 254 -1.61 0.79 -4.65
N LEU A 255 -1.39 1.22 -3.40
CA LEU A 255 -2.49 1.84 -2.68
C LEU A 255 -2.95 3.13 -3.36
N PHE A 256 -2.00 3.96 -3.81
CA PHE A 256 -2.40 5.18 -4.51
C PHE A 256 -3.15 4.87 -5.80
N VAL A 257 -2.70 3.87 -6.56
CA VAL A 257 -3.42 3.52 -7.80
C VAL A 257 -4.85 3.12 -7.46
N GLU A 258 -5.03 2.45 -6.31
CA GLU A 258 -6.34 1.96 -5.92
C GLU A 258 -7.26 3.07 -5.41
N VAL A 259 -6.73 4.09 -4.73
CA VAL A 259 -7.60 5.06 -4.06
C VAL A 259 -7.46 6.49 -4.59
N SER A 260 -6.36 6.83 -5.27
CA SER A 260 -6.18 8.20 -5.77
C SER A 260 -5.12 8.26 -6.85
N VAL A 261 -5.37 7.62 -7.99
CA VAL A 261 -4.34 7.51 -9.02
C VAL A 261 -3.94 8.89 -9.53
N GLU A 262 -4.86 9.87 -9.51
CA GLU A 262 -4.53 11.20 -10.04
C GLU A 262 -3.47 11.92 -9.21
N THR A 263 -3.31 11.57 -7.93
CA THR A 263 -2.21 12.11 -7.15
C THR A 263 -0.87 11.78 -7.77
N LEU A 264 -0.77 10.61 -8.42
CA LEU A 264 0.49 10.18 -9.01
C LEU A 264 0.90 11.04 -10.20
N HIS A 265 0.02 11.91 -10.68
CA HIS A 265 0.34 12.73 -11.83
C HIS A 265 0.52 14.20 -11.47
N ILE A 266 0.53 14.53 -10.18
CA ILE A 266 0.97 15.84 -9.75
C ILE A 266 2.48 15.96 -9.96
N PRO A 267 3.32 14.96 -9.57
CA PRO A 267 4.75 15.09 -9.86
C PRO A 267 5.09 15.00 -11.33
N ASP A 268 6.37 15.17 -11.67
CA ASP A 268 6.82 14.95 -13.04
C ASP A 268 7.22 13.50 -13.27
N CYS A 269 7.88 12.88 -12.30
CA CYS A 269 8.31 11.50 -12.40
C CYS A 269 7.89 10.75 -11.14
N VAL A 270 7.54 9.49 -11.32
CA VAL A 270 7.17 8.59 -10.23
C VAL A 270 8.00 7.32 -10.40
N VAL A 271 8.76 6.96 -9.37
CA VAL A 271 9.60 5.77 -9.46
C VAL A 271 9.11 4.76 -8.46
N VAL A 272 8.79 3.56 -8.94
CA VAL A 272 8.31 2.48 -8.10
C VAL A 272 9.42 1.45 -8.00
N SER A 273 9.87 1.16 -6.79
CA SER A 273 10.94 0.19 -6.64
C SER A 273 10.67 -0.74 -5.48
N GLY A 274 11.36 -1.88 -5.47
CA GLY A 274 11.38 -2.72 -4.29
C GLY A 274 11.00 -4.16 -4.54
N ASP A 275 10.19 -4.41 -5.56
CA ASP A 275 9.64 -5.74 -5.76
C ASP A 275 8.87 -5.74 -7.08
N PHE A 276 8.45 -6.93 -7.50
CA PHE A 276 7.60 -7.02 -8.69
C PHE A 276 6.28 -6.32 -8.42
N VAL A 277 5.76 -5.64 -9.43
CA VAL A 277 4.48 -4.96 -9.36
C VAL A 277 3.60 -5.53 -10.46
N ASN A 278 2.36 -5.86 -10.12
CA ASN A 278 1.40 -6.31 -11.12
C ASN A 278 1.41 -5.36 -12.30
N PRO A 279 1.72 -5.84 -13.51
CA PRO A 279 1.72 -4.95 -14.68
C PRO A 279 0.43 -4.16 -14.86
N ARG A 280 -0.70 -4.72 -14.45
CA ARG A 280 -1.98 -4.03 -14.57
C ARG A 280 -2.00 -2.73 -13.77
N LEU A 281 -1.28 -2.69 -12.65
CA LEU A 281 -1.18 -1.46 -11.87
C LEU A 281 -0.43 -0.39 -12.64
N PHE A 282 0.68 -0.76 -13.28
CA PHE A 282 1.37 0.20 -14.13
C PHE A 282 0.46 0.67 -15.26
N SER A 283 -0.31 -0.24 -15.85
CA SER A 283 -1.21 0.12 -16.94
C SER A 283 -2.22 1.18 -16.50
N VAL A 284 -2.84 1.00 -15.35
CA VAL A 284 -3.82 1.99 -14.87
C VAL A 284 -3.13 3.32 -14.63
N ALA A 285 -1.98 3.30 -13.96
CA ALA A 285 -1.30 4.54 -13.60
C ALA A 285 -0.88 5.31 -14.83
N VAL A 286 -0.35 4.62 -15.83
CA VAL A 286 0.19 5.30 -17.01
C VAL A 286 -0.92 5.90 -17.85
N GLN A 287 -2.11 5.30 -17.81
CA GLN A 287 -3.22 5.83 -18.59
C GLN A 287 -3.94 6.97 -17.88
N ALA A 288 -3.61 7.25 -16.63
CA ALA A 288 -4.33 8.23 -15.84
C ALA A 288 -3.78 9.65 -15.95
N GLY A 289 -2.60 9.84 -16.53
CA GLY A 289 -2.06 11.18 -16.69
C GLY A 289 -0.69 11.14 -17.36
N LYS A 290 -0.02 12.30 -17.36
CA LYS A 290 1.19 12.47 -18.16
C LYS A 290 2.49 12.46 -17.37
N ALA A 291 2.46 12.11 -16.08
CA ALA A 291 3.71 11.95 -15.36
C ALA A 291 4.46 10.73 -15.89
N LYS A 292 5.78 10.76 -15.81
CA LYS A 292 6.58 9.63 -16.26
C LYS A 292 6.64 8.60 -15.14
N ILE A 293 6.11 7.40 -15.39
CA ILE A 293 6.07 6.33 -14.40
C ILE A 293 7.21 5.35 -14.70
N PHE A 294 8.04 5.07 -13.68
CA PHE A 294 9.18 4.16 -13.85
C PHE A 294 9.07 2.94 -12.93
N ASN A 295 9.54 1.81 -13.46
CA ASN A 295 9.88 0.65 -12.66
C ASN A 295 11.38 0.74 -12.33
N GLY A 296 11.71 0.71 -11.06
CA GLY A 296 13.09 0.91 -10.61
C GLY A 296 13.59 -0.27 -9.80
N LEU A 297 14.85 -0.63 -10.01
CA LEU A 297 15.49 -1.66 -9.20
C LEU A 297 16.47 -1.00 -8.25
N GLY A 298 16.40 -1.38 -6.98
CA GLY A 298 17.44 -1.03 -6.03
C GLY A 298 17.75 -2.25 -5.19
N CYS A 299 18.94 -2.24 -4.57
CA CYS A 299 19.17 -3.22 -3.53
C CYS A 299 20.15 -2.62 -2.55
N THR A 300 20.05 -3.10 -1.30
CA THR A 300 20.84 -2.55 -0.20
C THR A 300 22.32 -2.59 -0.53
N GLU A 301 22.77 -3.70 -1.13
CA GLU A 301 24.17 -3.89 -1.46
C GLU A 301 24.67 -3.00 -2.59
N ASN A 302 23.78 -2.23 -3.25
CA ASN A 302 24.21 -1.19 -4.17
C ASN A 302 23.82 0.21 -3.69
N SER A 303 23.48 0.33 -2.41
CA SER A 303 23.36 1.58 -1.65
C SER A 303 22.05 2.35 -1.88
N ALA A 304 21.49 2.27 -3.09
CA ALA A 304 20.35 3.11 -3.46
C ALA A 304 19.80 2.64 -4.81
N ILE A 305 18.80 3.36 -5.31
CA ILE A 305 18.20 3.03 -6.60
C ILE A 305 19.30 2.89 -7.65
N SER A 306 19.13 1.92 -8.55
CA SER A 306 20.22 1.40 -9.38
C SER A 306 19.90 1.36 -10.88
N SER A 307 18.63 1.16 -11.25
CA SER A 307 18.25 1.21 -12.65
C SER A 307 16.82 1.74 -12.76
N LEU A 308 16.48 2.19 -13.95
CA LEU A 308 15.15 2.75 -14.18
C LEU A 308 14.65 2.28 -15.53
N TYR A 309 13.37 1.91 -15.58
CA TYR A 309 12.66 1.62 -16.82
C TYR A 309 11.45 2.53 -16.94
N HIS A 310 11.43 3.36 -17.98
CA HIS A 310 10.27 4.21 -18.24
C HIS A 310 9.16 3.40 -18.93
N ILE A 311 8.00 3.33 -18.28
CA ILE A 311 6.88 2.56 -18.81
C ILE A 311 6.11 3.42 -19.80
N GLN A 312 6.03 2.97 -21.04
CA GLN A 312 5.23 3.67 -22.04
C GLN A 312 3.97 2.94 -22.46
N SER A 313 3.90 1.62 -22.21
CA SER A 313 2.79 0.74 -22.58
C SER A 313 2.76 0.53 -24.09
N PRO A 322 5.94 -9.15 -16.74
CA PRO A 322 7.20 -8.80 -16.06
C PRO A 322 7.84 -7.56 -16.65
N VAL A 323 7.54 -6.39 -16.08
CA VAL A 323 8.08 -5.11 -16.56
C VAL A 323 9.59 -5.10 -16.39
N PRO A 324 10.38 -4.67 -17.38
CA PRO A 324 11.83 -4.62 -17.21
C PRO A 324 12.21 -3.62 -16.14
N VAL A 325 13.43 -3.78 -15.60
CA VAL A 325 14.01 -2.79 -14.70
C VAL A 325 14.94 -1.82 -15.41
N GLY A 326 15.13 -1.99 -16.72
CA GLY A 326 15.69 -0.93 -17.54
C GLY A 326 17.20 -0.80 -17.51
N THR A 327 17.66 0.45 -17.46
CA THR A 327 19.06 0.78 -17.67
C THR A 327 19.65 1.48 -16.44
N PRO A 328 20.92 1.24 -16.16
CA PRO A 328 21.48 1.69 -14.88
C PRO A 328 21.59 3.20 -14.73
N LEU A 329 21.63 3.64 -13.47
CA LEU A 329 21.89 5.02 -13.12
C LEU A 329 23.34 5.39 -13.47
N PRO A 330 23.68 6.69 -13.42
CA PRO A 330 25.08 7.09 -13.65
C PRO A 330 26.04 6.34 -12.75
N LEU A 331 27.16 5.90 -13.33
CA LEU A 331 28.25 5.18 -12.66
C LEU A 331 27.83 3.81 -12.16
N VAL A 332 26.71 3.27 -12.63
CA VAL A 332 26.27 1.93 -12.27
C VAL A 332 26.39 1.05 -13.49
N GLU A 333 26.87 -0.18 -13.28
CA GLU A 333 26.99 -1.18 -14.35
C GLU A 333 26.14 -2.38 -13.97
N MET A 334 25.31 -2.84 -14.91
CA MET A 334 24.50 -4.03 -14.71
C MET A 334 24.78 -5.03 -15.82
N VAL A 335 24.97 -6.30 -15.44
CA VAL A 335 25.29 -7.38 -16.35
C VAL A 335 24.59 -8.62 -15.86
N VAL A 336 23.92 -9.33 -16.78
CA VAL A 336 23.36 -10.65 -16.48
C VAL A 336 24.41 -11.68 -16.87
N PHE A 337 24.86 -12.47 -15.91
CA PHE A 337 25.89 -13.49 -16.09
C PHE A 337 25.27 -14.87 -15.96
N ASN A 338 25.65 -15.79 -16.87
CA ASN A 338 25.18 -17.17 -16.79
C ASN A 338 26.00 -17.94 -15.74
N GLU A 339 25.79 -19.26 -15.68
CA GLU A 339 26.44 -20.09 -14.67
C GLU A 339 27.96 -20.08 -14.80
N ARG A 340 28.48 -19.77 -15.99
CA ARG A 340 29.92 -19.75 -16.23
C ARG A 340 30.49 -18.34 -16.22
N LEU A 341 29.80 -17.39 -15.59
CA LEU A 341 30.25 -16.00 -15.46
C LEU A 341 30.51 -15.35 -16.82
N GLN A 342 29.73 -15.73 -17.84
CA GLN A 342 29.77 -15.09 -19.14
C GLN A 342 28.53 -14.23 -19.35
N PRO A 343 28.69 -13.05 -19.95
CA PRO A 343 27.52 -12.19 -20.19
C PRO A 343 26.48 -12.90 -21.02
N CYS A 344 25.21 -12.68 -20.68
CA CYS A 344 24.14 -13.41 -21.34
C CYS A 344 23.72 -12.73 -22.63
N THR A 345 23.31 -13.54 -23.60
CA THR A 345 22.66 -13.05 -24.81
C THR A 345 21.21 -12.69 -24.49
N CYS A 346 20.55 -12.04 -25.45
CA CYS A 346 19.13 -11.71 -25.28
C CYS A 346 18.32 -12.99 -25.24
N GLY A 347 17.53 -13.15 -24.17
CA GLY A 347 16.73 -14.35 -23.98
C GLY A 347 17.40 -15.46 -23.19
N GLU A 348 18.73 -15.41 -23.06
CA GLU A 348 19.44 -16.36 -22.19
C GLU A 348 19.21 -15.99 -20.72
N TYR A 349 18.98 -17.00 -19.89
CA TYR A 349 18.72 -16.77 -18.46
C TYR A 349 20.01 -16.77 -17.68
N GLY A 350 20.09 -15.89 -16.71
CA GLY A 350 21.25 -15.82 -15.84
C GLY A 350 20.90 -15.13 -14.54
N GLU A 351 21.90 -14.54 -13.90
CA GLU A 351 21.72 -13.84 -12.64
C GLU A 351 22.26 -12.43 -12.78
N LEU A 352 21.54 -11.47 -12.21
CA LEU A 352 21.96 -10.07 -12.29
C LEU A 352 23.13 -9.78 -11.37
N PHE A 353 24.18 -9.19 -11.93
CA PHE A 353 25.32 -8.71 -11.18
C PHE A 353 25.42 -7.20 -11.34
N ILE A 354 25.80 -6.49 -10.29
CA ILE A 354 25.84 -5.03 -10.31
C ILE A 354 27.24 -4.57 -9.93
N ALA A 355 27.80 -3.63 -10.71
CA ALA A 355 29.13 -3.09 -10.45
C ALA A 355 29.04 -1.56 -10.44
N GLY A 356 30.11 -0.91 -9.99
CA GLY A 356 30.20 0.54 -10.08
C GLY A 356 30.18 1.24 -8.73
N ALA A 357 29.80 2.52 -8.77
CA ALA A 357 29.95 3.40 -7.60
C ALA A 357 29.07 3.01 -6.43
N GLY A 358 27.95 2.32 -6.66
CA GLY A 358 27.07 1.97 -5.56
C GLY A 358 27.46 0.72 -4.79
N VAL A 359 28.41 -0.08 -5.27
CA VAL A 359 28.62 -1.38 -4.64
C VAL A 359 29.12 -1.18 -3.22
N ALA A 360 28.52 -1.92 -2.27
CA ALA A 360 28.83 -1.81 -0.85
C ALA A 360 30.25 -2.28 -0.56
N LEU A 361 30.73 -1.90 0.63
CA LEU A 361 32.07 -2.32 1.05
C LEU A 361 32.10 -3.79 1.42
N GLY A 362 30.98 -4.34 1.85
CA GLY A 362 30.90 -5.76 2.18
C GLY A 362 29.83 -5.98 3.23
N TYR A 363 29.74 -7.24 3.67
CA TYR A 363 28.97 -7.61 4.85
C TYR A 363 29.87 -7.66 6.09
N SER A 364 29.23 -7.65 7.26
CA SER A 364 30.00 -7.93 8.47
C SER A 364 30.56 -9.35 8.48
N ASP A 365 29.93 -10.27 7.75
CA ASP A 365 30.37 -11.65 7.58
C ASP A 365 31.41 -11.72 6.47
N PRO A 366 32.68 -12.03 6.78
CA PRO A 366 33.70 -12.02 5.72
C PRO A 366 33.52 -13.14 4.70
N GLN A 367 33.10 -14.33 5.14
CA GLN A 367 32.88 -15.42 4.20
C GLN A 367 31.71 -15.11 3.27
N LEU A 368 30.65 -14.52 3.80
CA LEU A 368 29.50 -14.13 2.96
C LEU A 368 29.95 -13.06 1.97
N THR A 369 30.78 -12.11 2.40
CA THR A 369 31.27 -11.08 1.49
C THR A 369 31.99 -11.70 0.28
N ALA A 370 32.91 -12.61 0.53
CA ALA A 370 33.70 -13.18 -0.56
C ALA A 370 32.83 -13.98 -1.53
N GLU A 371 31.71 -14.51 -1.04
CA GLU A 371 30.80 -15.28 -1.87
C GLU A 371 29.98 -14.37 -2.79
N ARG A 372 29.57 -13.20 -2.30
CA ARG A 372 28.63 -12.36 -3.01
C ARG A 372 29.26 -11.13 -3.66
N PHE A 373 30.52 -10.83 -3.37
CA PHE A 373 31.23 -9.68 -3.97
C PHE A 373 32.46 -10.22 -4.71
N ILE A 374 32.35 -10.32 -6.03
CA ILE A 374 33.25 -11.11 -6.85
C ILE A 374 33.85 -10.23 -7.93
N THR A 375 35.14 -10.40 -8.22
CA THR A 375 35.81 -9.64 -9.27
C THR A 375 35.79 -10.46 -10.55
N ILE A 376 35.26 -9.85 -11.62
CA ILE A 376 35.09 -10.51 -12.91
C ILE A 376 35.61 -9.57 -14.00
N PRO A 377 36.51 -10.03 -14.87
CA PRO A 377 36.92 -9.18 -16.01
C PRO A 377 35.74 -8.98 -16.94
N TYR A 378 35.41 -7.71 -17.18
CA TYR A 378 34.29 -7.33 -18.02
C TYR A 378 34.67 -6.07 -18.77
N GLN A 379 34.62 -6.14 -20.10
CA GLN A 379 34.89 -5.00 -20.97
C GLN A 379 36.24 -4.33 -20.65
N GLY A 380 37.25 -5.14 -20.38
CA GLY A 380 38.60 -4.66 -20.22
C GLY A 380 38.96 -4.20 -18.82
N THR A 381 38.04 -4.38 -17.87
CA THR A 381 38.30 -3.95 -16.47
C THR A 381 38.04 -5.12 -15.52
N ASP A 382 38.92 -5.32 -14.53
CA ASP A 382 38.68 -6.34 -13.49
C ASP A 382 37.66 -5.68 -12.54
N MET A 383 36.36 -5.87 -12.85
CA MET A 383 35.26 -5.18 -12.15
C MET A 383 34.74 -5.95 -10.93
N LEU A 384 34.58 -5.23 -9.81
CA LEU A 384 33.93 -5.80 -8.63
C LEU A 384 32.41 -5.78 -8.81
N PHE A 385 31.79 -6.95 -8.71
CA PHE A 385 30.35 -7.10 -8.88
C PHE A 385 29.71 -7.63 -7.61
N TYR A 386 28.54 -7.08 -7.27
CA TYR A 386 27.65 -7.69 -6.30
C TYR A 386 26.73 -8.67 -7.03
N ARG A 387 26.63 -9.91 -6.50
CA ARG A 387 25.76 -10.94 -7.06
C ARG A 387 24.38 -10.81 -6.42
N THR A 388 23.35 -10.51 -7.22
CA THR A 388 22.05 -10.14 -6.66
C THR A 388 21.20 -11.33 -6.23
N ASP A 389 21.50 -12.53 -6.71
CA ASP A 389 20.58 -13.66 -6.55
C ASP A 389 19.24 -13.42 -7.26
N ASP A 390 19.17 -12.45 -8.16
CA ASP A 390 17.98 -12.20 -8.96
C ASP A 390 18.15 -12.82 -10.35
N ARG A 391 17.23 -13.72 -10.71
CA ARG A 391 17.27 -14.35 -12.03
C ARG A 391 16.80 -13.36 -13.10
N ALA A 392 17.52 -13.32 -14.22
CA ALA A 392 17.34 -12.23 -15.17
C ALA A 392 17.68 -12.65 -16.59
N THR A 393 17.33 -11.77 -17.52
CA THR A 393 17.73 -11.85 -18.92
C THR A 393 17.67 -10.44 -19.50
N TYR A 394 17.97 -10.33 -20.79
CA TYR A 394 17.83 -9.09 -21.54
C TYR A 394 16.65 -9.22 -22.49
N ASP A 395 15.99 -8.10 -22.77
CA ASP A 395 15.00 -8.08 -23.83
C ASP A 395 15.65 -7.58 -25.12
N GLN A 396 14.85 -7.45 -26.18
CA GLN A 396 15.40 -7.10 -27.50
C GLN A 396 16.05 -5.72 -27.47
N ASP A 397 15.51 -4.80 -26.69
CA ASP A 397 16.10 -3.47 -26.52
C ASP A 397 17.19 -3.45 -25.46
N ARG A 398 17.65 -4.63 -25.02
CA ARG A 398 18.72 -4.79 -24.05
C ARG A 398 18.37 -4.21 -22.68
N ASN A 399 17.09 -3.96 -22.42
CA ASN A 399 16.66 -3.68 -21.05
C ASN A 399 16.83 -4.93 -20.21
N ILE A 400 17.23 -4.75 -18.96
CA ILE A 400 17.31 -5.87 -18.04
C ILE A 400 15.91 -6.15 -17.49
N VAL A 401 15.57 -7.44 -17.44
CA VAL A 401 14.25 -7.90 -16.94
C VAL A 401 14.44 -8.97 -15.88
N LEU A 402 14.06 -8.67 -14.63
CA LEU A 402 14.07 -9.70 -13.61
C LEU A 402 12.91 -10.65 -13.84
N VAL A 403 13.14 -11.94 -13.60
CA VAL A 403 12.13 -12.96 -13.92
C VAL A 403 11.67 -13.74 -12.68
N LEU B 12 -33.41 -16.97 2.69
CA LEU B 12 -32.85 -15.66 2.99
C LEU B 12 -33.96 -14.62 2.90
N LYS B 13 -33.95 -13.66 3.81
CA LYS B 13 -34.86 -12.53 3.73
C LYS B 13 -34.15 -11.33 3.13
N ALA B 14 -34.93 -10.30 2.81
CA ALA B 14 -34.33 -9.05 2.35
C ALA B 14 -33.48 -8.43 3.46
N VAL B 15 -32.50 -7.61 3.04
CA VAL B 15 -31.55 -7.03 3.99
C VAL B 15 -32.22 -6.27 5.12
N PRO B 16 -33.18 -5.36 4.87
CA PRO B 16 -33.78 -4.65 6.01
C PRO B 16 -34.43 -5.57 7.02
N ASP B 17 -35.03 -6.67 6.55
CA ASP B 17 -35.69 -7.60 7.46
C ASP B 17 -34.68 -8.36 8.32
N ILE B 18 -33.56 -8.76 7.72
CA ILE B 18 -32.50 -9.38 8.50
C ILE B 18 -31.97 -8.41 9.54
N PHE B 19 -31.75 -7.15 9.14
CA PHE B 19 -31.28 -6.18 10.12
C PHE B 19 -32.29 -5.98 11.25
N ASP B 20 -33.59 -6.03 10.92
CA ASP B 20 -34.62 -5.91 11.95
C ASP B 20 -34.54 -7.06 12.96
N GLU B 21 -34.38 -8.29 12.47
CA GLU B 21 -34.26 -9.44 13.38
C GLU B 21 -33.00 -9.34 14.23
N ILE B 22 -31.88 -8.92 13.62
CA ILE B 22 -30.62 -8.78 14.34
C ILE B 22 -30.75 -7.73 15.42
N SER B 23 -31.40 -6.60 15.10
CA SER B 23 -31.49 -5.51 16.05
C SER B 23 -32.39 -5.88 17.21
N GLN B 24 -33.42 -6.71 16.96
CA GLN B 24 -34.27 -7.17 18.05
C GLN B 24 -33.57 -8.22 18.91
N ARG B 25 -32.62 -8.96 18.33
CA ARG B 25 -31.87 -10.00 19.03
C ARG B 25 -30.65 -9.47 19.78
N PHE B 26 -29.99 -8.42 19.27
CA PHE B 26 -28.82 -7.85 19.92
C PHE B 26 -28.99 -6.34 20.12
N PRO B 27 -30.07 -5.91 20.78
CA PRO B 27 -30.38 -4.47 20.77
C PRO B 27 -29.30 -3.61 21.41
N ASP B 28 -28.62 -4.10 22.43
CA ASP B 28 -27.64 -3.29 23.14
C ASP B 28 -26.20 -3.62 22.75
N ARG B 29 -26.00 -4.38 21.67
CA ARG B 29 -24.67 -4.50 21.11
C ARG B 29 -24.35 -3.26 20.30
N VAL B 30 -23.05 -2.97 20.16
CA VAL B 30 -22.64 -1.79 19.41
C VAL B 30 -22.61 -2.14 17.93
N ALA B 31 -23.36 -1.39 17.14
CA ALA B 31 -23.46 -1.58 15.69
C ALA B 31 -22.44 -0.74 14.95
N LEU B 32 -22.30 0.53 15.33
CA LEU B 32 -21.43 1.49 14.64
C LEU B 32 -20.54 2.22 15.63
N ILE B 33 -19.28 2.43 15.25
CA ILE B 33 -18.40 3.34 15.96
C ILE B 33 -17.89 4.37 14.97
N PHE B 34 -17.99 5.65 15.33
CA PHE B 34 -17.37 6.71 14.54
C PHE B 34 -16.68 7.64 15.52
N ASP B 35 -15.36 7.77 15.38
CA ASP B 35 -14.51 8.40 16.38
C ASP B 35 -14.76 7.74 17.73
N GLN B 36 -15.38 8.45 18.67
CA GLN B 36 -15.67 7.89 19.99
C GLN B 36 -17.16 7.80 20.26
N ARG B 37 -17.96 7.84 19.19
CA ARG B 37 -19.42 7.73 19.28
C ARG B 37 -19.80 6.30 18.98
N LYS B 38 -20.55 5.68 19.90
CA LYS B 38 -21.04 4.31 19.75
C LYS B 38 -22.56 4.34 19.57
N ILE B 39 -23.04 3.71 18.51
CA ILE B 39 -24.46 3.61 18.21
C ILE B 39 -24.84 2.13 18.32
N THR B 40 -25.69 1.80 19.29
CA THR B 40 -26.17 0.43 19.42
C THR B 40 -27.16 0.10 18.29
N TYR B 41 -27.45 -1.20 18.17
CA TYR B 41 -28.44 -1.65 17.19
C TYR B 41 -29.81 -1.06 17.49
N ARG B 42 -30.18 -1.02 18.77
CA ARG B 42 -31.43 -0.41 19.19
C ARG B 42 -31.55 1.01 18.65
N GLU B 43 -30.54 1.85 18.89
CA GLU B 43 -30.52 3.19 18.34
C GLU B 43 -30.58 3.17 16.81
N LEU B 44 -29.75 2.33 16.18
CA LEU B 44 -29.65 2.32 14.72
C LEU B 44 -30.97 1.94 14.06
N ALA B 45 -31.68 0.95 14.63
CA ALA B 45 -32.97 0.55 14.07
C ALA B 45 -33.97 1.70 14.08
N GLU B 46 -34.00 2.47 15.17
CA GLU B 46 -34.94 3.58 15.26
C GLU B 46 -34.56 4.71 14.29
N GLN B 47 -33.27 4.95 14.13
CA GLN B 47 -32.82 5.94 13.15
C GLN B 47 -33.23 5.54 11.75
N CYS B 48 -32.97 4.27 11.37
CA CYS B 48 -33.39 3.78 10.07
C CYS B 48 -34.89 3.96 9.84
N SER B 49 -35.70 3.65 10.84
CA SER B 49 -37.15 3.77 10.66
C SER B 49 -37.58 5.23 10.57
N ALA B 50 -36.99 6.09 11.40
CA ALA B 50 -37.32 7.51 11.31
C ALA B 50 -36.92 8.07 9.95
N LEU B 51 -35.75 7.66 9.44
CA LEU B 51 -35.28 8.17 8.16
C LEU B 51 -36.11 7.64 7.00
N ALA B 52 -36.51 6.37 7.07
CA ALA B 52 -37.37 5.79 6.04
C ALA B 52 -38.64 6.62 5.86
N ALA B 53 -39.29 6.95 6.96
CA ALA B 53 -40.50 7.77 6.91
C ALA B 53 -40.24 9.11 6.22
N VAL B 54 -39.11 9.75 6.56
CA VAL B 54 -38.73 11.01 5.92
C VAL B 54 -38.51 10.82 4.42
N LEU B 55 -37.83 9.72 4.03
CA LEU B 55 -37.62 9.46 2.60
C LEU B 55 -38.93 9.29 1.87
N GLN B 56 -39.88 8.58 2.48
CA GLN B 56 -41.19 8.43 1.86
C GLN B 56 -41.89 9.79 1.77
N ASN B 57 -41.72 10.63 2.80
CA ASN B 57 -42.33 11.96 2.78
C ASN B 57 -41.76 12.84 1.69
N ASN B 58 -40.58 12.52 1.17
CA ASN B 58 -39.95 13.26 0.10
C ASN B 58 -40.21 12.63 -1.28
N CYS B 59 -41.25 11.81 -1.38
CA CYS B 59 -41.78 11.28 -2.63
C CYS B 59 -40.90 10.19 -3.24
N LEU B 60 -40.02 9.58 -2.46
CA LEU B 60 -39.30 8.40 -2.91
C LEU B 60 -40.19 7.18 -2.77
N ILE B 61 -40.24 6.35 -3.81
CA ILE B 61 -41.16 5.23 -3.89
C ILE B 61 -40.40 3.96 -4.22
N LYS B 62 -41.02 2.83 -3.90
CA LYS B 62 -40.41 1.53 -4.12
C LYS B 62 -39.95 1.41 -5.56
N GLY B 63 -38.72 0.91 -5.76
CA GLY B 63 -38.16 0.75 -7.07
C GLY B 63 -37.41 1.95 -7.61
N ASP B 64 -37.46 3.08 -6.90
CA ASP B 64 -36.66 4.23 -7.28
C ASP B 64 -35.18 3.87 -7.23
N ILE B 65 -34.40 4.49 -8.11
CA ILE B 65 -32.97 4.27 -8.18
C ILE B 65 -32.30 5.51 -7.61
N VAL B 66 -31.59 5.34 -6.49
CA VAL B 66 -31.19 6.46 -5.64
C VAL B 66 -29.69 6.34 -5.37
N ALA B 67 -28.92 7.30 -5.87
CA ALA B 67 -27.50 7.34 -5.58
C ALA B 67 -27.26 7.98 -4.21
N ILE B 68 -26.20 7.52 -3.56
CA ILE B 68 -25.77 8.02 -2.26
C ILE B 68 -24.34 8.48 -2.40
N LYS B 69 -24.08 9.76 -2.13
CA LYS B 69 -22.71 10.26 -2.07
C LYS B 69 -22.59 10.95 -0.72
N ILE B 70 -22.19 10.19 0.30
CA ILE B 70 -22.05 10.68 1.66
C ILE B 70 -20.72 10.16 2.20
N GLU B 71 -19.96 11.04 2.84
N GLU B 71 -19.95 11.04 2.84
CA GLU B 71 -18.68 10.62 3.38
CA GLU B 71 -18.67 10.62 3.37
C GLU B 71 -18.89 9.63 4.52
C GLU B 71 -18.87 9.67 4.55
N ARG B 72 -17.84 8.87 4.82
CA ARG B 72 -17.93 7.89 5.90
C ARG B 72 -18.33 8.63 7.18
N SER B 73 -19.34 8.09 7.85
CA SER B 73 -20.07 8.70 8.96
C SER B 73 -21.17 7.73 9.36
N PRO B 74 -21.71 7.82 10.58
CA PRO B 74 -22.86 6.96 10.91
C PRO B 74 -24.04 7.18 9.99
N GLU B 75 -24.26 8.41 9.53
CA GLU B 75 -25.42 8.68 8.68
C GLU B 75 -25.37 7.90 7.37
N LEU B 76 -24.16 7.63 6.86
CA LEU B 76 -24.01 6.91 5.61
C LEU B 76 -24.75 5.57 5.64
N TYR B 77 -24.53 4.81 6.72
CA TYR B 77 -25.12 3.47 6.81
C TYR B 77 -26.59 3.53 7.18
N ILE B 78 -26.99 4.59 7.91
CA ILE B 78 -28.41 4.81 8.17
C ILE B 78 -29.17 4.94 6.87
N PHE B 79 -28.65 5.78 5.95
CA PHE B 79 -29.26 5.94 4.65
C PHE B 79 -29.31 4.63 3.88
N MET B 80 -28.23 3.85 3.93
CA MET B 80 -28.24 2.56 3.25
C MET B 80 -29.39 1.70 3.78
N LEU B 81 -29.54 1.63 5.10
CA LEU B 81 -30.61 0.79 5.64
C LEU B 81 -31.99 1.38 5.32
N ALA B 82 -32.11 2.70 5.39
CA ALA B 82 -33.41 3.33 5.13
C ALA B 82 -33.81 3.21 3.66
N LEU B 83 -32.86 3.46 2.76
CA LEU B 83 -33.17 3.33 1.34
C LEU B 83 -33.64 1.92 1.02
N MET B 84 -32.95 0.91 1.52
CA MET B 84 -33.37 -0.46 1.24
C MET B 84 -34.70 -0.77 1.85
N LYS B 85 -34.98 -0.22 3.05
CA LYS B 85 -36.26 -0.48 3.70
C LYS B 85 -37.43 -0.04 2.83
N ILE B 86 -37.33 1.13 2.18
CA ILE B 86 -38.48 1.60 1.40
C ILE B 86 -38.55 0.96 0.03
N GLY B 87 -37.65 0.04 -0.29
CA GLY B 87 -37.63 -0.62 -1.57
C GLY B 87 -36.85 0.09 -2.66
N ALA B 88 -36.03 1.08 -2.31
CA ALA B 88 -35.22 1.74 -3.30
C ALA B 88 -33.99 0.89 -3.62
N VAL B 89 -33.40 1.16 -4.78
CA VAL B 89 -32.19 0.50 -5.23
C VAL B 89 -31.06 1.51 -5.06
N MET B 90 -30.14 1.26 -4.13
CA MET B 90 -29.14 2.26 -3.85
C MET B 90 -27.99 2.18 -4.85
N VAL B 91 -27.40 3.33 -5.14
CA VAL B 91 -26.27 3.43 -6.06
C VAL B 91 -25.16 4.18 -5.32
N PRO B 92 -24.29 3.46 -4.61
CA PRO B 92 -23.26 4.14 -3.83
C PRO B 92 -22.24 4.83 -4.74
N VAL B 93 -21.92 6.08 -4.40
CA VAL B 93 -20.97 6.91 -5.14
C VAL B 93 -19.80 7.26 -4.23
N ASN B 94 -18.58 7.09 -4.73
CA ASN B 94 -17.38 7.54 -4.04
C ASN B 94 -17.43 9.04 -3.76
N SER B 95 -17.14 9.44 -2.53
CA SER B 95 -17.13 10.86 -2.18
C SER B 95 -16.01 11.61 -2.88
N ASN B 96 -14.95 10.93 -3.29
CA ASN B 96 -13.81 11.56 -3.94
C ASN B 96 -13.93 11.59 -5.46
N SER B 97 -15.06 11.16 -6.01
CA SER B 97 -15.12 11.07 -7.47
C SER B 97 -15.60 12.39 -8.09
N PRO B 98 -15.07 12.75 -9.24
CA PRO B 98 -15.39 14.06 -9.83
C PRO B 98 -16.73 14.07 -10.54
N GLU B 99 -17.19 15.29 -10.83
CA GLU B 99 -18.56 15.48 -11.33
C GLU B 99 -18.80 14.72 -12.61
N ARG B 100 -17.78 14.63 -13.48
CA ARG B 100 -17.98 13.94 -14.75
C ARG B 100 -18.25 12.45 -14.53
N TYR B 101 -17.59 11.84 -13.54
CA TYR B 101 -17.82 10.43 -13.28
C TYR B 101 -19.15 10.21 -12.56
N ILE B 102 -19.53 11.14 -11.67
CA ILE B 102 -20.83 11.02 -11.01
C ILE B 102 -21.94 10.99 -12.05
N GLY B 103 -21.88 11.91 -13.02
CA GLY B 103 -22.89 11.92 -14.06
C GLY B 103 -22.94 10.62 -14.85
N GLU B 104 -21.76 10.06 -15.17
CA GLU B 104 -21.72 8.79 -15.88
C GLU B 104 -22.35 7.67 -15.06
N VAL B 105 -22.14 7.69 -13.75
CA VAL B 105 -22.71 6.65 -12.90
C VAL B 105 -24.23 6.80 -12.81
N LEU B 106 -24.71 8.02 -12.54
CA LEU B 106 -26.15 8.25 -12.48
C LEU B 106 -26.81 7.85 -13.79
N SER B 107 -26.21 8.22 -14.92
CA SER B 107 -26.76 7.86 -16.23
C SER B 107 -26.75 6.35 -16.44
N ALA B 108 -25.63 5.69 -16.12
CA ALA B 108 -25.55 4.25 -16.33
C ALA B 108 -26.53 3.49 -15.44
N ALA B 109 -26.70 3.93 -14.19
CA ALA B 109 -27.64 3.31 -13.27
C ALA B 109 -29.09 3.65 -13.57
N GLY B 110 -29.33 4.68 -14.38
CA GLY B 110 -30.68 5.21 -14.50
C GLY B 110 -31.17 5.86 -13.21
N ALA B 111 -30.27 6.52 -12.48
CA ALA B 111 -30.61 7.13 -11.21
C ALA B 111 -31.44 8.39 -11.44
N ARG B 112 -32.50 8.55 -10.66
CA ARG B 112 -33.28 9.77 -10.71
C ARG B 112 -33.14 10.62 -9.45
N TYR B 113 -32.46 10.11 -8.42
CA TYR B 113 -32.18 10.87 -7.21
C TYR B 113 -30.71 10.74 -6.85
N LEU B 114 -30.17 11.82 -6.28
CA LEU B 114 -28.86 11.80 -5.64
C LEU B 114 -29.00 12.42 -4.26
N ILE B 115 -28.73 11.63 -3.22
CA ILE B 115 -28.65 12.13 -1.87
C ILE B 115 -27.17 12.35 -1.55
N SER B 116 -26.82 13.55 -1.11
CA SER B 116 -25.41 13.84 -0.92
C SER B 116 -25.20 14.86 0.20
N ASP B 117 -24.04 14.76 0.83
CA ASP B 117 -23.60 15.79 1.78
C ASP B 117 -22.80 16.89 1.11
N ASP B 118 -22.70 16.88 -0.22
CA ASP B 118 -21.83 17.80 -0.96
C ASP B 118 -22.56 18.14 -2.27
N VAL B 119 -23.42 19.16 -2.21
CA VAL B 119 -24.22 19.52 -3.38
C VAL B 119 -23.48 20.40 -4.37
N THR B 120 -22.28 20.87 -4.04
CA THR B 120 -21.54 21.72 -4.97
C THR B 120 -20.81 20.89 -6.03
N ALA B 126 -31.18 15.04 -15.46
CA ALA B 126 -32.58 14.87 -15.08
C ALA B 126 -32.67 14.01 -13.82
N TRP B 127 -32.15 14.57 -12.72
CA TRP B 127 -32.21 13.92 -11.43
C TRP B 127 -32.40 14.96 -10.34
N HIS B 128 -33.03 14.52 -9.25
CA HIS B 128 -33.26 15.37 -8.09
C HIS B 128 -32.07 15.27 -7.15
N VAL B 129 -31.66 16.40 -6.57
CA VAL B 129 -30.52 16.43 -5.66
C VAL B 129 -31.04 16.77 -4.28
N LEU B 130 -30.77 15.88 -3.31
CA LEU B 130 -31.31 16.01 -1.96
C LEU B 130 -30.16 16.15 -0.98
N SER B 131 -30.32 17.02 0.00
CA SER B 131 -29.30 17.17 1.03
C SER B 131 -29.46 16.09 2.10
N SER B 132 -28.39 15.32 2.34
CA SER B 132 -28.43 14.24 3.36
C SER B 132 -28.61 14.84 4.75
N ARG B 133 -27.96 15.98 5.02
CA ARG B 133 -28.04 16.65 6.35
C ARG B 133 -29.48 17.08 6.63
N THR B 134 -30.14 17.72 5.67
CA THR B 134 -31.54 18.19 5.87
C THR B 134 -32.45 16.99 6.17
N LEU B 135 -32.34 15.92 5.37
CA LEU B 135 -33.14 14.73 5.58
C LEU B 135 -32.95 14.18 6.99
N ILE B 136 -31.71 14.15 7.48
CA ILE B 136 -31.45 13.70 8.84
C ILE B 136 -32.12 14.64 9.83
N GLN B 137 -31.95 15.96 9.63
CA GLN B 137 -32.54 16.92 10.55
C GLN B 137 -34.07 16.77 10.66
N ASN B 138 -34.73 16.37 9.57
CA ASN B 138 -36.19 16.31 9.53
C ASN B 138 -36.77 15.02 10.09
N CYS B 139 -35.95 14.11 10.60
CA CYS B 139 -36.45 12.93 11.28
C CYS B 139 -37.15 13.32 12.58
N THR B 140 -38.35 12.79 12.78
CA THR B 140 -39.11 13.06 14.00
C THR B 140 -39.54 11.76 14.66
N GLN B 141 -40.60 11.84 15.46
CA GLN B 141 -41.11 10.69 16.24
C GLN B 141 -41.84 9.70 15.32
N GLN B 142 -42.20 10.13 14.11
CA GLN B 142 -42.92 9.22 13.17
C GLN B 142 -41.91 8.23 12.58
N ARG B 143 -42.18 6.94 12.75
CA ARG B 143 -41.28 5.88 12.21
C ARG B 143 -42.12 4.85 11.45
N SER B 144 -43.46 4.97 11.55
CA SER B 144 -44.42 4.06 10.90
C SER B 144 -44.49 4.35 9.39
N GLY B 145 -45.09 3.42 8.64
CA GLY B 145 -45.21 3.52 7.20
C GLY B 145 -45.65 2.19 6.63
N ASN B 146 -46.05 2.24 5.37
CA ASN B 146 -46.47 1.03 4.65
C ASN B 146 -45.31 0.53 3.79
N TYR B 147 -44.25 0.11 4.48
CA TYR B 147 -43.03 -0.32 3.82
C TYR B 147 -43.27 -1.60 3.02
N PRO B 148 -42.57 -1.77 1.91
CA PRO B 148 -42.83 -2.94 1.06
C PRO B 148 -42.34 -4.23 1.71
N VAL B 149 -42.99 -5.33 1.36
CA VAL B 149 -42.52 -6.67 1.71
C VAL B 149 -41.57 -7.13 0.60
N LEU B 150 -40.27 -7.08 0.88
CA LEU B 150 -39.28 -7.38 -0.13
C LEU B 150 -38.94 -8.87 -0.14
N SER B 151 -38.51 -9.35 -1.30
CA SER B 151 -38.04 -10.71 -1.49
C SER B 151 -36.51 -10.74 -1.57
N ALA B 152 -35.95 -11.93 -1.34
CA ALA B 152 -34.51 -12.10 -1.50
C ALA B 152 -34.06 -11.78 -2.92
N ASP B 153 -34.93 -12.05 -3.91
CA ASP B 153 -34.56 -11.82 -5.30
C ASP B 153 -34.79 -10.39 -5.77
N ASP B 154 -35.42 -9.54 -4.95
CA ASP B 154 -35.59 -8.14 -5.31
C ASP B 154 -34.23 -7.45 -5.40
N PRO B 155 -34.12 -6.43 -6.26
CA PRO B 155 -32.86 -5.68 -6.37
C PRO B 155 -32.59 -4.83 -5.14
N ALA B 156 -31.34 -4.85 -4.69
CA ALA B 156 -30.89 -4.05 -3.56
C ALA B 156 -29.98 -2.91 -3.96
N LEU B 157 -29.05 -3.12 -4.89
CA LEU B 157 -28.15 -2.04 -5.25
C LEU B 157 -27.57 -2.23 -6.64
N ILE B 158 -26.98 -1.15 -7.14
CA ILE B 158 -26.22 -1.14 -8.39
C ILE B 158 -24.78 -0.75 -8.08
N LEU B 159 -23.84 -1.58 -8.51
CA LEU B 159 -22.42 -1.29 -8.44
C LEU B 159 -21.86 -1.27 -9.87
N MET B 160 -20.83 -0.46 -10.09
CA MET B 160 -20.28 -0.30 -11.41
C MET B 160 -19.04 -1.16 -11.58
N THR B 161 -18.96 -1.84 -12.72
CA THR B 161 -17.70 -2.45 -13.12
C THR B 161 -17.13 -1.64 -14.27
N SER B 162 -15.81 -1.63 -14.39
CA SER B 162 -15.14 -0.77 -15.36
C SER B 162 -15.02 -1.49 -16.70
N GLY B 163 -15.40 -0.80 -17.77
CA GLY B 163 -15.13 -1.28 -19.11
C GLY B 163 -13.67 -1.09 -19.47
N SER B 164 -13.39 -1.34 -20.75
CA SER B 164 -12.02 -1.32 -21.27
C SER B 164 -11.38 0.05 -21.22
N THR B 165 -12.17 1.13 -21.06
CA THR B 165 -11.65 2.48 -21.06
C THR B 165 -12.04 3.25 -19.80
N GLY B 166 -12.53 2.58 -18.76
CA GLY B 166 -12.90 3.22 -17.52
C GLY B 166 -14.34 3.70 -17.44
N LYS B 167 -15.13 3.55 -18.50
CA LYS B 167 -16.54 3.90 -18.40
C LYS B 167 -17.24 2.89 -17.50
N PRO B 168 -18.23 3.34 -16.73
CA PRO B 168 -18.92 2.41 -15.81
C PRO B 168 -19.97 1.56 -16.51
N LYS B 169 -20.05 0.30 -16.09
CA LYS B 169 -21.10 -0.64 -16.50
C LYS B 169 -21.86 -1.06 -15.25
N SER B 170 -23.18 -0.91 -15.27
CA SER B 170 -23.97 -1.22 -14.09
C SER B 170 -24.10 -2.73 -13.90
N VAL B 171 -23.99 -3.15 -12.64
CA VAL B 171 -24.22 -4.52 -12.21
C VAL B 171 -25.32 -4.48 -11.17
N LEU B 172 -26.43 -5.17 -11.43
CA LEU B 172 -27.58 -5.17 -10.52
C LEU B 172 -27.43 -6.30 -9.51
N ILE B 173 -27.43 -5.95 -8.22
CA ILE B 173 -27.23 -6.89 -7.14
C ILE B 173 -28.55 -7.12 -6.43
N ALA B 174 -28.90 -8.38 -6.22
CA ALA B 174 -30.12 -8.73 -5.49
C ALA B 174 -29.87 -8.67 -3.99
N HIS B 175 -30.96 -8.54 -3.21
CA HIS B 175 -30.84 -8.58 -1.76
C HIS B 175 -30.09 -9.83 -1.27
N ARG B 176 -30.35 -10.99 -1.88
CA ARG B 176 -29.71 -12.22 -1.45
C ARG B 176 -28.19 -12.18 -1.62
N GLY B 177 -27.69 -11.38 -2.57
CA GLY B 177 -26.25 -11.34 -2.80
C GLY B 177 -25.45 -10.77 -1.64
N ILE B 178 -26.04 -9.86 -0.87
CA ILE B 178 -25.41 -9.37 0.33
C ILE B 178 -26.05 -9.91 1.60
N ALA B 179 -27.34 -10.27 1.57
CA ALA B 179 -27.97 -10.88 2.74
C ALA B 179 -27.29 -12.18 3.15
N ARG B 180 -26.68 -12.90 2.19
CA ARG B 180 -25.96 -14.12 2.53
C ARG B 180 -24.85 -13.88 3.56
N LEU B 181 -24.35 -12.66 3.65
CA LEU B 181 -23.27 -12.35 4.58
C LEU B 181 -23.72 -12.39 6.04
N GLY B 182 -25.02 -12.50 6.32
CA GLY B 182 -25.48 -12.78 7.68
C GLY B 182 -25.29 -14.23 8.10
N LEU B 183 -24.88 -15.14 7.17
CA LEU B 183 -24.59 -16.50 7.61
C LEU B 183 -23.14 -16.61 8.07
N PRO B 184 -22.87 -17.10 9.28
CA PRO B 184 -21.48 -17.19 9.76
C PRO B 184 -20.63 -18.01 8.81
N VAL B 185 -19.42 -17.54 8.55
CA VAL B 185 -18.50 -18.20 7.61
C VAL B 185 -17.65 -19.20 8.39
N PRO B 186 -17.77 -20.49 8.12
CA PRO B 186 -17.01 -21.48 8.92
C PRO B 186 -15.50 -21.23 8.92
N ALA B 187 -14.92 -20.84 7.80
CA ALA B 187 -13.47 -20.59 7.76
C ALA B 187 -13.06 -19.45 8.68
N LEU B 188 -13.97 -18.49 8.93
CA LEU B 188 -13.67 -17.33 9.77
C LEU B 188 -14.06 -17.53 11.23
N GLY B 189 -15.06 -18.35 11.50
CA GLY B 189 -15.61 -18.44 12.85
C GLY B 189 -16.19 -17.14 13.36
N ASN B 190 -16.74 -16.31 12.47
CA ASN B 190 -17.22 -15.01 12.86
C ASN B 190 -18.59 -15.11 13.53
N SER B 191 -18.91 -14.09 14.33
CA SER B 191 -20.13 -14.10 15.15
C SER B 191 -20.42 -12.66 15.57
N GLU B 192 -21.41 -12.48 16.44
CA GLU B 192 -21.73 -11.13 16.90
C GLU B 192 -20.63 -10.55 17.79
N ARG B 193 -19.72 -11.40 18.27
CA ARG B 193 -18.62 -10.89 19.08
C ARG B 193 -17.68 -9.99 18.28
N ASP B 194 -17.70 -10.07 16.95
CA ASP B 194 -16.59 -9.54 16.17
C ASP B 194 -16.74 -8.05 15.91
N CYS B 195 -15.67 -7.47 15.35
CA CYS B 195 -15.63 -6.07 14.99
C CYS B 195 -14.93 -5.92 13.65
N TYR B 196 -15.58 -5.25 12.72
CA TYR B 196 -15.12 -5.02 11.36
C TYR B 196 -14.71 -3.56 11.18
N LEU B 197 -13.83 -3.30 10.21
CA LEU B 197 -13.40 -1.94 9.89
C LEU B 197 -13.91 -1.54 8.51
N GLN B 198 -14.69 -0.46 8.46
CA GLN B 198 -15.24 -0.01 7.17
C GLN B 198 -14.24 0.95 6.56
N ILE B 199 -13.50 0.46 5.57
CA ILE B 199 -12.47 1.25 4.90
C ILE B 199 -12.55 1.15 3.37
N ALA B 200 -13.11 0.09 2.81
CA ALA B 200 -13.30 0.02 1.35
C ALA B 200 -14.34 1.03 0.90
N ASP B 201 -14.10 1.67 -0.24
CA ASP B 201 -15.05 2.66 -0.71
C ASP B 201 -16.41 2.02 -0.99
N ILE B 202 -17.48 2.78 -0.69
CA ILE B 202 -18.82 2.20 -0.78
C ILE B 202 -19.20 1.87 -2.20
N SER B 203 -18.53 2.45 -3.21
CA SER B 203 -18.83 2.15 -4.60
C SER B 203 -18.19 0.85 -5.08
N PHE B 204 -17.39 0.20 -4.23
CA PHE B 204 -16.73 -1.07 -4.54
C PHE B 204 -17.44 -2.20 -3.81
N ALA B 205 -17.65 -3.33 -4.49
CA ALA B 205 -18.36 -4.45 -3.85
C ALA B 205 -17.64 -4.98 -2.63
N ALA B 206 -16.32 -4.77 -2.53
CA ALA B 206 -15.60 -5.20 -1.33
C ALA B 206 -16.13 -4.50 -0.07
N SER B 207 -16.70 -3.30 -0.19
CA SER B 207 -17.26 -2.67 1.01
C SER B 207 -18.39 -3.50 1.61
N ALA B 208 -19.05 -4.34 0.80
CA ALA B 208 -20.13 -5.16 1.35
C ALA B 208 -19.60 -6.18 2.34
N ASN B 209 -18.38 -6.70 2.14
CA ASN B 209 -17.78 -7.58 3.14
C ASN B 209 -17.83 -6.93 4.51
N GLU B 210 -17.45 -5.65 4.58
CA GLU B 210 -17.28 -4.98 5.87
C GLU B 210 -18.62 -4.57 6.46
N ILE B 211 -19.47 -3.95 5.64
CA ILE B 211 -20.73 -3.39 6.13
C ILE B 211 -21.67 -4.49 6.56
N TRP B 212 -21.90 -5.47 5.68
CA TRP B 212 -23.01 -6.39 5.90
C TRP B 212 -22.61 -7.64 6.65
N MET B 213 -21.35 -8.08 6.61
CA MET B 213 -20.95 -9.11 7.56
C MET B 213 -21.06 -8.57 9.00
N ALA B 214 -20.78 -7.29 9.21
CA ALA B 214 -20.96 -6.69 10.54
C ALA B 214 -22.45 -6.57 10.89
N LEU B 215 -23.19 -5.78 10.11
CA LEU B 215 -24.53 -5.36 10.52
C LEU B 215 -25.56 -6.48 10.45
N LEU B 216 -25.35 -7.52 9.63
CA LEU B 216 -26.30 -8.61 9.55
C LEU B 216 -25.93 -9.78 10.47
N THR B 217 -24.89 -9.64 11.31
CA THR B 217 -24.58 -10.66 12.31
C THR B 217 -24.63 -10.15 13.75
N GLY B 218 -24.92 -8.88 13.98
CA GLY B 218 -24.87 -8.36 15.34
C GLY B 218 -23.51 -7.91 15.82
N ALA B 219 -22.50 -7.93 14.95
CA ALA B 219 -21.14 -7.48 15.26
C ALA B 219 -21.04 -5.96 15.11
N CYS B 220 -19.85 -5.43 15.39
CA CYS B 220 -19.61 -4.00 15.41
C CYS B 220 -18.86 -3.57 14.15
N LEU B 221 -19.27 -2.42 13.60
CA LEU B 221 -18.63 -1.82 12.43
C LEU B 221 -17.98 -0.52 12.89
N THR B 222 -16.64 -0.52 13.02
CA THR B 222 -15.95 0.74 13.29
C THR B 222 -15.61 1.40 11.96
N ILE B 223 -15.90 2.69 11.87
CA ILE B 223 -15.93 3.42 10.60
C ILE B 223 -14.66 4.25 10.46
N ALA B 224 -13.88 3.97 9.42
CA ALA B 224 -12.67 4.73 9.18
C ALA B 224 -13.02 6.18 8.81
N PRO B 225 -12.13 7.12 9.12
CA PRO B 225 -12.39 8.51 8.76
C PRO B 225 -12.53 8.67 7.25
N PRO B 226 -13.28 9.66 6.79
CA PRO B 226 -13.41 9.89 5.36
C PRO B 226 -12.08 10.29 4.74
N GLY B 227 -11.95 10.01 3.45
CA GLY B 227 -10.76 10.36 2.71
C GLY B 227 -9.87 9.15 2.45
N LEU B 228 -8.64 9.46 2.01
CA LEU B 228 -7.68 8.40 1.69
C LEU B 228 -7.17 7.76 2.98
N PRO B 229 -6.73 6.49 2.92
CA PRO B 229 -6.35 5.78 4.15
C PRO B 229 -5.23 6.48 4.91
N ASP B 230 -5.46 6.67 6.20
CA ASP B 230 -4.46 7.19 7.14
C ASP B 230 -4.02 6.00 8.00
N LEU B 231 -2.88 5.40 7.67
CA LEU B 231 -2.52 4.14 8.32
C LEU B 231 -2.17 4.34 9.79
N MET B 232 -1.68 5.51 10.16
CA MET B 232 -1.46 5.83 11.57
C MET B 232 -2.77 5.76 12.33
N ALA B 233 -3.80 6.49 11.84
CA ALA B 233 -5.10 6.46 12.49
C ALA B 233 -5.74 5.08 12.41
N LEU B 234 -5.58 4.39 11.26
CA LEU B 234 -6.14 3.06 11.10
C LEU B 234 -5.55 2.08 12.09
N ALA B 235 -4.23 2.14 12.30
CA ALA B 235 -3.61 1.25 13.28
C ALA B 235 -4.15 1.53 14.69
N ARG B 236 -4.33 2.80 15.03
CA ARG B 236 -4.84 3.12 16.36
C ARG B 236 -6.28 2.66 16.53
N GLN B 237 -7.09 2.80 15.47
CA GLN B 237 -8.48 2.39 15.50
C GLN B 237 -8.59 0.87 15.59
N ILE B 238 -7.75 0.15 14.84
CA ILE B 238 -7.75 -1.31 14.91
C ILE B 238 -7.46 -1.78 16.33
N GLU B 239 -6.48 -1.16 16.98
CA GLU B 239 -6.15 -1.49 18.36
C GLU B 239 -7.25 -1.04 19.33
N SER B 240 -7.66 0.23 19.24
CA SER B 240 -8.52 0.80 20.27
C SER B 240 -9.95 0.24 20.21
N ASP B 241 -10.48 0.02 19.00
CA ASP B 241 -11.81 -0.56 18.86
C ASP B 241 -11.80 -2.09 18.74
N ASN B 242 -10.63 -2.72 18.86
CA ASN B 242 -10.50 -4.18 18.83
C ASN B 242 -11.14 -4.79 17.57
N VAL B 243 -10.65 -4.37 16.41
CA VAL B 243 -11.05 -5.03 15.17
C VAL B 243 -10.58 -6.48 15.22
N THR B 244 -11.50 -7.41 14.93
CA THR B 244 -11.17 -8.82 14.91
C THR B 244 -11.21 -9.43 13.51
N MET B 245 -11.94 -8.81 12.58
CA MET B 245 -12.09 -9.28 11.20
C MET B 245 -11.68 -8.11 10.30
N LEU B 246 -10.50 -8.20 9.72
CA LEU B 246 -9.93 -7.10 8.95
C LEU B 246 -9.86 -7.49 7.47
N PHE B 247 -10.67 -6.83 6.64
CA PHE B 247 -10.61 -6.99 5.19
C PHE B 247 -9.73 -5.91 4.58
N LEU B 248 -8.77 -6.31 3.75
CA LEU B 248 -7.83 -5.41 3.10
C LEU B 248 -7.79 -5.62 1.60
N SER B 249 -7.65 -4.52 0.87
CA SER B 249 -7.23 -4.59 -0.53
C SER B 249 -5.76 -5.01 -0.61
N GLY B 250 -5.33 -5.34 -1.82
CA GLY B 250 -3.93 -5.70 -2.01
C GLY B 250 -2.99 -4.55 -1.69
N GLY B 251 -3.39 -3.32 -2.03
CA GLY B 251 -2.53 -2.18 -1.71
C GLY B 251 -2.44 -1.91 -0.21
N LEU B 252 -3.56 -1.95 0.49
CA LEU B 252 -3.49 -1.68 1.92
C LEU B 252 -2.75 -2.80 2.65
N PHE B 253 -2.96 -4.05 2.22
CA PHE B 253 -2.23 -5.16 2.84
C PHE B 253 -0.74 -5.02 2.61
N ARG B 254 -0.33 -4.76 1.36
CA ARG B 254 1.09 -4.70 1.05
C ARG B 254 1.78 -3.58 1.81
N LEU B 255 1.13 -2.40 1.87
CA LEU B 255 1.71 -1.27 2.60
C LEU B 255 1.83 -1.59 4.08
N PHE B 256 0.82 -2.23 4.67
CA PHE B 256 0.95 -2.58 6.08
C PHE B 256 2.09 -3.58 6.30
N VAL B 257 2.24 -4.56 5.40
CA VAL B 257 3.35 -5.50 5.54
C VAL B 257 4.68 -4.76 5.50
N GLU B 258 4.76 -3.72 4.67
CA GLU B 258 6.01 -2.98 4.49
C GLU B 258 6.31 -2.04 5.65
N VAL B 259 5.30 -1.48 6.33
CA VAL B 259 5.56 -0.44 7.32
C VAL B 259 5.16 -0.83 8.74
N SER B 260 4.27 -1.80 8.94
CA SER B 260 3.78 -2.09 10.29
C SER B 260 3.07 -3.43 10.32
N VAL B 261 3.80 -4.50 10.02
CA VAL B 261 3.17 -5.81 9.86
C VAL B 261 2.56 -6.28 11.17
N GLU B 262 3.08 -5.78 12.32
CA GLU B 262 2.53 -6.17 13.61
C GLU B 262 1.07 -5.73 13.76
N THR B 263 0.70 -4.62 13.12
CA THR B 263 -0.68 -4.16 13.15
C THR B 263 -1.63 -5.22 12.62
N LEU B 264 -1.16 -6.02 11.63
CA LEU B 264 -2.01 -7.05 11.05
C LEU B 264 -2.30 -8.19 12.02
N HIS B 265 -1.66 -8.24 13.18
CA HIS B 265 -1.88 -9.34 14.11
C HIS B 265 -2.64 -8.90 15.35
N ILE B 266 -3.18 -7.69 15.35
CA ILE B 266 -4.21 -7.31 16.32
C ILE B 266 -5.50 -8.07 16.04
N PRO B 267 -5.99 -8.18 14.79
CA PRO B 267 -7.22 -8.93 14.55
C PRO B 267 -7.03 -10.43 14.73
N ASP B 268 -8.16 -11.14 14.69
CA ASP B 268 -8.15 -12.60 14.65
C ASP B 268 -7.93 -13.12 13.23
N CYS B 269 -8.58 -12.48 12.24
CA CYS B 269 -8.49 -12.87 10.85
C CYS B 269 -8.23 -11.64 9.99
N VAL B 270 -7.40 -11.82 8.97
CA VAL B 270 -7.10 -10.80 7.98
C VAL B 270 -7.38 -11.40 6.61
N VAL B 271 -8.26 -10.76 5.84
CA VAL B 271 -8.62 -11.26 4.50
C VAL B 271 -8.15 -10.29 3.43
N VAL B 272 -7.30 -10.76 2.53
CA VAL B 272 -6.76 -9.95 1.43
C VAL B 272 -7.48 -10.37 0.17
N SER B 273 -8.10 -9.42 -0.53
CA SER B 273 -8.76 -9.76 -1.78
C SER B 273 -8.58 -8.68 -2.83
N GLY B 274 -8.82 -9.04 -4.08
CA GLY B 274 -8.95 -8.09 -5.17
C GLY B 274 -8.01 -8.33 -6.34
N ASP B 275 -6.86 -8.94 -6.09
CA ASP B 275 -5.89 -9.18 -7.16
C ASP B 275 -4.78 -10.06 -6.59
N PHE B 276 -3.94 -10.56 -7.48
CA PHE B 276 -2.81 -11.37 -7.05
C PHE B 276 -1.93 -10.57 -6.09
N VAL B 277 -1.40 -11.27 -5.09
CA VAL B 277 -0.45 -10.70 -4.15
C VAL B 277 0.79 -11.56 -4.16
N ASN B 278 1.96 -10.94 -4.11
CA ASN B 278 3.22 -11.66 -4.08
C ASN B 278 3.20 -12.67 -2.93
N PRO B 279 3.42 -13.96 -3.20
CA PRO B 279 3.47 -14.94 -2.09
C PRO B 279 4.43 -14.58 -0.99
N ARG B 280 5.53 -13.88 -1.30
CA ARG B 280 6.47 -13.49 -0.25
C ARG B 280 5.82 -12.54 0.76
N LEU B 281 4.90 -11.69 0.29
CA LEU B 281 4.22 -10.78 1.21
C LEU B 281 3.35 -11.54 2.20
N PHE B 282 2.59 -12.51 1.71
CA PHE B 282 1.85 -13.39 2.62
C PHE B 282 2.80 -14.10 3.59
N SER B 283 3.95 -14.54 3.08
CA SER B 283 4.91 -15.26 3.92
C SER B 283 5.34 -14.40 5.09
N VAL B 284 5.68 -13.13 4.81
CA VAL B 284 6.09 -12.19 5.85
C VAL B 284 4.95 -11.99 6.85
N ALA B 285 3.73 -11.77 6.34
CA ALA B 285 2.61 -11.50 7.23
C ALA B 285 2.29 -12.70 8.11
N VAL B 286 2.32 -13.90 7.53
CA VAL B 286 1.97 -15.10 8.28
C VAL B 286 3.01 -15.37 9.37
N GLN B 287 4.29 -15.09 9.09
CA GLN B 287 5.36 -15.32 10.06
C GLN B 287 5.34 -14.32 11.20
N ALA B 288 4.66 -13.19 11.05
CA ALA B 288 4.83 -12.07 11.96
C ALA B 288 3.95 -12.15 13.19
N GLY B 289 3.06 -13.14 13.30
CA GLY B 289 2.20 -13.20 14.46
C GLY B 289 1.14 -14.26 14.32
N LYS B 290 0.14 -14.14 15.21
CA LYS B 290 -0.87 -15.16 15.50
C LYS B 290 -2.13 -15.04 14.66
N ALA B 291 -2.37 -13.92 13.98
CA ALA B 291 -3.61 -13.81 13.22
C ALA B 291 -3.62 -14.79 12.05
N LYS B 292 -4.84 -15.22 11.67
CA LYS B 292 -5.04 -16.07 10.50
C LYS B 292 -5.13 -15.18 9.27
N ILE B 293 -4.20 -15.36 8.33
CA ILE B 293 -4.11 -14.56 7.12
C ILE B 293 -4.74 -15.35 5.99
N PHE B 294 -5.69 -14.73 5.26
CA PHE B 294 -6.39 -15.36 4.16
C PHE B 294 -6.14 -14.64 2.84
N ASN B 295 -6.08 -15.42 1.77
CA ASN B 295 -6.29 -14.94 0.41
C ASN B 295 -7.75 -15.24 0.06
N GLY B 296 -8.42 -14.27 -0.55
CA GLY B 296 -9.83 -14.43 -0.86
C GLY B 296 -10.17 -13.83 -2.21
N LEU B 297 -11.15 -14.42 -2.86
CA LEU B 297 -11.61 -13.89 -4.13
C LEU B 297 -12.98 -13.26 -3.96
N GLY B 298 -13.16 -12.06 -4.51
CA GLY B 298 -14.49 -11.54 -4.75
C GLY B 298 -14.60 -11.03 -6.18
N CYS B 299 -15.84 -10.89 -6.64
CA CYS B 299 -16.05 -10.13 -7.87
C CYS B 299 -17.40 -9.43 -7.77
N THR B 300 -17.46 -8.27 -8.41
CA THR B 300 -18.68 -7.47 -8.38
C THR B 300 -19.90 -8.28 -8.75
N GLU B 301 -19.77 -9.12 -9.79
CA GLU B 301 -20.87 -9.94 -10.28
C GLU B 301 -21.26 -11.05 -9.31
N ASN B 302 -20.53 -11.29 -8.23
CA ASN B 302 -21.05 -12.19 -7.21
C ASN B 302 -21.30 -11.46 -5.88
N SER B 303 -21.39 -10.13 -5.92
CA SER B 303 -21.94 -9.25 -4.89
C SER B 303 -20.95 -8.91 -3.77
N ALA B 304 -20.02 -9.82 -3.44
CA ALA B 304 -19.17 -9.64 -2.26
C ALA B 304 -18.14 -10.77 -2.22
N ILE B 305 -17.34 -10.81 -1.14
CA ILE B 305 -16.34 -11.87 -0.98
C ILE B 305 -16.97 -13.23 -1.21
N SER B 306 -16.23 -14.13 -1.89
CA SER B 306 -16.82 -15.36 -2.44
C SER B 306 -16.10 -16.64 -2.04
N SER B 307 -14.79 -16.54 -1.79
CA SER B 307 -14.05 -17.71 -1.32
C SER B 307 -12.91 -17.25 -0.42
N LEU B 308 -12.40 -18.19 0.38
CA LEU B 308 -11.28 -17.91 1.27
C LEU B 308 -10.28 -19.05 1.27
N TYR B 309 -8.99 -18.70 1.40
CA TYR B 309 -7.93 -19.68 1.61
C TYR B 309 -7.09 -19.24 2.80
N HIS B 310 -7.03 -20.08 3.84
CA HIS B 310 -6.19 -19.81 5.00
C HIS B 310 -4.76 -20.24 4.70
N ILE B 311 -3.83 -19.29 4.81
CA ILE B 311 -2.41 -19.56 4.62
C ILE B 311 -1.86 -20.00 5.97
N GLN B 312 -1.61 -21.30 6.12
CA GLN B 312 -1.34 -21.86 7.43
C GLN B 312 0.08 -21.63 7.91
N SER B 313 1.06 -21.56 7.01
CA SER B 313 2.43 -21.30 7.42
C SER B 313 3.16 -20.68 6.24
N ALA B 314 4.31 -20.06 6.55
CA ALA B 314 5.09 -19.41 5.50
C ALA B 314 5.60 -20.41 4.47
N ALA B 315 5.93 -21.63 4.91
CA ALA B 315 6.43 -22.65 3.99
C ALA B 315 5.33 -23.22 3.10
N ALA B 316 4.06 -23.10 3.51
CA ALA B 316 2.94 -23.55 2.69
C ALA B 316 2.91 -22.87 1.33
N LEU B 317 3.72 -21.82 1.16
CA LEU B 317 3.73 -21.06 -0.10
C LEU B 317 4.89 -21.48 -1.01
N SER B 318 5.08 -20.71 -2.07
CA SER B 318 6.14 -20.88 -3.10
C SER B 318 6.07 -19.63 -3.98
N SER B 319 7.22 -19.10 -4.42
CA SER B 319 7.24 -17.86 -5.24
C SER B 319 6.95 -18.14 -6.71
N GLU B 320 6.83 -19.41 -7.11
CA GLU B 320 6.56 -19.73 -8.53
C GLU B 320 5.07 -19.98 -8.72
N SER B 321 4.30 -20.05 -7.63
CA SER B 321 2.85 -20.36 -7.77
C SER B 321 1.98 -19.33 -7.06
N PRO B 322 0.84 -18.91 -7.66
CA PRO B 322 -0.10 -18.01 -6.98
C PRO B 322 -0.72 -18.70 -5.77
N VAL B 323 -0.97 -17.91 -4.73
CA VAL B 323 -1.63 -18.45 -3.54
C VAL B 323 -3.04 -18.86 -3.91
N PRO B 324 -3.55 -20.02 -3.47
CA PRO B 324 -4.93 -20.39 -3.81
C PRO B 324 -5.93 -19.38 -3.30
N VAL B 325 -7.08 -19.31 -3.97
CA VAL B 325 -8.19 -18.53 -3.44
C VAL B 325 -9.14 -19.37 -2.60
N GLY B 326 -8.94 -20.68 -2.55
CA GLY B 326 -9.60 -21.48 -1.52
C GLY B 326 -10.96 -22.05 -1.90
N THR B 327 -11.88 -22.05 -0.93
CA THR B 327 -13.17 -22.69 -1.02
C THR B 327 -14.27 -21.68 -0.72
N PRO B 328 -15.47 -21.90 -1.28
CA PRO B 328 -16.47 -20.84 -1.27
C PRO B 328 -17.14 -20.60 0.08
N LEU B 329 -17.67 -19.38 0.20
CA LEU B 329 -18.50 -18.94 1.32
C LEU B 329 -19.86 -19.64 1.32
N PRO B 330 -20.65 -19.49 2.40
CA PRO B 330 -21.98 -20.13 2.44
C PRO B 330 -22.85 -19.72 1.27
N LEU B 331 -23.58 -20.69 0.72
CA LEU B 331 -24.49 -20.52 -0.42
C LEU B 331 -23.78 -20.11 -1.71
N VAL B 332 -22.47 -20.25 -1.78
CA VAL B 332 -21.70 -19.95 -2.99
C VAL B 332 -21.16 -21.27 -3.53
N GLU B 333 -21.31 -21.49 -4.84
CA GLU B 333 -20.72 -22.65 -5.50
C GLU B 333 -19.68 -22.18 -6.51
N MET B 334 -18.52 -22.82 -6.51
CA MET B 334 -17.45 -22.41 -7.40
C MET B 334 -16.96 -23.65 -8.13
N VAL B 335 -16.89 -23.57 -9.46
CA VAL B 335 -16.42 -24.66 -10.29
C VAL B 335 -15.43 -24.12 -11.32
N VAL B 336 -14.31 -24.82 -11.51
CA VAL B 336 -13.43 -24.52 -12.63
C VAL B 336 -13.80 -25.49 -13.75
N PHE B 337 -14.36 -24.95 -14.83
CA PHE B 337 -14.81 -25.75 -15.97
C PHE B 337 -13.77 -25.77 -17.08
N ASN B 338 -13.61 -26.92 -17.74
CA ASN B 338 -12.72 -26.95 -18.89
C ASN B 338 -13.52 -26.55 -20.13
N GLU B 339 -12.88 -26.64 -21.30
CA GLU B 339 -13.53 -26.26 -22.56
C GLU B 339 -14.73 -27.13 -22.88
N ARG B 340 -14.85 -28.28 -22.24
CA ARG B 340 -15.98 -29.17 -22.46
C ARG B 340 -17.07 -28.99 -21.41
N LEU B 341 -16.93 -27.99 -20.55
CA LEU B 341 -17.85 -27.74 -19.44
C LEU B 341 -17.96 -28.96 -18.52
N GLN B 342 -16.81 -29.61 -18.29
CA GLN B 342 -16.56 -30.60 -17.26
C GLN B 342 -15.72 -29.97 -16.15
N PRO B 343 -15.94 -30.35 -14.90
CA PRO B 343 -15.07 -29.86 -13.82
C PRO B 343 -13.62 -30.29 -14.05
N CYS B 344 -12.69 -29.37 -13.84
CA CYS B 344 -11.28 -29.67 -14.09
C CYS B 344 -10.73 -30.62 -13.04
N THR B 345 -9.80 -31.48 -13.47
CA THR B 345 -9.01 -32.26 -12.54
C THR B 345 -7.86 -31.41 -12.01
N CYS B 346 -7.16 -31.96 -11.01
CA CYS B 346 -6.07 -31.24 -10.36
C CYS B 346 -5.03 -30.82 -11.40
N GLY B 347 -4.71 -29.52 -11.42
CA GLY B 347 -3.75 -28.98 -12.37
C GLY B 347 -4.27 -28.76 -13.78
N GLU B 348 -5.46 -29.25 -14.12
CA GLU B 348 -6.04 -28.96 -15.43
C GLU B 348 -6.51 -27.50 -15.45
N TYR B 349 -6.12 -26.77 -16.49
CA TYR B 349 -6.47 -25.35 -16.55
C TYR B 349 -7.85 -25.19 -17.17
N GLY B 350 -8.68 -24.38 -16.53
CA GLY B 350 -9.98 -24.02 -17.06
C GLY B 350 -10.32 -22.62 -16.63
N GLU B 351 -11.62 -22.33 -16.61
CA GLU B 351 -12.13 -21.02 -16.26
C GLU B 351 -13.06 -21.14 -15.06
N LEU B 352 -12.92 -20.21 -14.12
CA LEU B 352 -13.74 -20.23 -12.92
C LEU B 352 -15.16 -19.74 -13.23
N PHE B 353 -16.15 -20.52 -12.82
CA PHE B 353 -17.56 -20.12 -12.85
C PHE B 353 -18.12 -20.07 -11.43
N ILE B 354 -19.03 -19.12 -11.17
CA ILE B 354 -19.59 -18.94 -9.83
C ILE B 354 -21.12 -19.00 -9.88
N ALA B 355 -21.70 -19.82 -9.02
CA ALA B 355 -23.15 -19.97 -8.85
C ALA B 355 -23.53 -19.69 -7.39
N GLY B 356 -24.83 -19.56 -7.14
CA GLY B 356 -25.33 -19.48 -5.78
C GLY B 356 -25.93 -18.12 -5.48
N ALA B 357 -26.01 -17.81 -4.17
CA ALA B 357 -26.83 -16.68 -3.73
C ALA B 357 -26.22 -15.33 -4.10
N GLY B 358 -24.91 -15.26 -4.35
CA GLY B 358 -24.28 -14.00 -4.69
C GLY B 358 -24.44 -13.57 -6.14
N VAL B 359 -24.92 -14.44 -7.03
CA VAL B 359 -24.87 -14.12 -8.44
C VAL B 359 -25.73 -12.91 -8.76
N ALA B 360 -25.16 -11.96 -9.50
CA ALA B 360 -25.85 -10.73 -9.80
C ALA B 360 -27.06 -10.97 -10.69
N LEU B 361 -27.94 -9.99 -10.73
CA LEU B 361 -29.08 -10.07 -11.63
C LEU B 361 -28.74 -9.68 -13.06
N GLY B 362 -27.57 -9.11 -13.30
CA GLY B 362 -27.07 -8.97 -14.65
C GLY B 362 -26.60 -7.55 -14.91
N TYR B 363 -26.23 -7.31 -16.17
CA TYR B 363 -25.81 -6.00 -16.64
C TYR B 363 -26.97 -5.27 -17.30
N SER B 364 -26.71 -4.00 -17.65
CA SER B 364 -27.63 -3.27 -18.53
C SER B 364 -27.60 -3.82 -19.94
N ASP B 365 -26.42 -4.27 -20.40
CA ASP B 365 -26.25 -4.85 -21.72
C ASP B 365 -26.87 -6.25 -21.72
N PRO B 366 -27.95 -6.46 -22.49
CA PRO B 366 -28.56 -7.80 -22.53
C PRO B 366 -27.67 -8.84 -23.17
N GLN B 367 -26.96 -8.48 -24.23
CA GLN B 367 -26.12 -9.46 -24.92
C GLN B 367 -24.95 -9.87 -24.04
N LEU B 368 -24.27 -8.90 -23.44
CA LEU B 368 -23.20 -9.23 -22.52
C LEU B 368 -23.71 -10.07 -21.35
N THR B 369 -24.90 -9.74 -20.85
CA THR B 369 -25.52 -10.54 -19.79
C THR B 369 -25.74 -11.99 -20.22
N ALA B 370 -26.26 -12.20 -21.44
CA ALA B 370 -26.47 -13.55 -21.93
C ALA B 370 -25.15 -14.30 -22.09
N GLU B 371 -24.05 -13.59 -22.33
CA GLU B 371 -22.76 -14.24 -22.53
C GLU B 371 -22.10 -14.59 -21.21
N ARG B 372 -22.35 -13.81 -20.15
CA ARG B 372 -21.62 -13.99 -18.91
C ARG B 372 -22.43 -14.65 -17.80
N PHE B 373 -23.75 -14.68 -17.89
CA PHE B 373 -24.58 -15.38 -16.91
C PHE B 373 -25.28 -16.50 -17.68
N ILE B 374 -24.79 -17.73 -17.51
CA ILE B 374 -25.23 -18.83 -18.36
C ILE B 374 -25.61 -20.02 -17.49
N THR B 375 -26.59 -20.77 -17.95
CA THR B 375 -27.05 -21.97 -17.27
C THR B 375 -26.30 -23.18 -17.80
N ILE B 376 -25.75 -23.97 -16.89
CA ILE B 376 -24.86 -25.07 -17.21
C ILE B 376 -25.34 -26.33 -16.50
N PRO B 377 -25.46 -27.47 -17.16
CA PRO B 377 -25.73 -28.71 -16.42
C PRO B 377 -24.52 -29.05 -15.57
N TYR B 378 -24.75 -29.24 -14.27
CA TYR B 378 -23.68 -29.63 -13.36
C TYR B 378 -24.21 -30.69 -12.42
N GLN B 379 -23.55 -31.85 -12.43
CA GLN B 379 -23.88 -32.96 -11.53
C GLN B 379 -25.38 -33.27 -11.55
N GLY B 380 -25.93 -33.32 -12.77
CA GLY B 380 -27.32 -33.64 -12.97
C GLY B 380 -28.31 -32.52 -12.77
N THR B 381 -27.85 -31.30 -12.46
CA THR B 381 -28.77 -30.19 -12.24
C THR B 381 -28.26 -28.94 -12.95
N ASP B 382 -29.20 -28.15 -13.49
CA ASP B 382 -28.85 -26.96 -14.26
C ASP B 382 -28.75 -25.78 -13.31
N MET B 383 -27.60 -25.10 -13.33
CA MET B 383 -27.30 -24.01 -12.43
C MET B 383 -26.92 -22.78 -13.24
N LEU B 384 -27.34 -21.61 -12.75
CA LEU B 384 -26.92 -20.34 -13.31
C LEU B 384 -25.53 -19.98 -12.76
N PHE B 385 -24.55 -19.82 -13.67
CA PHE B 385 -23.19 -19.45 -13.32
C PHE B 385 -22.83 -18.10 -13.90
N TYR B 386 -22.08 -17.33 -13.13
CA TYR B 386 -21.39 -16.16 -13.67
C TYR B 386 -20.04 -16.63 -14.17
N ARG B 387 -19.72 -16.24 -15.40
CA ARG B 387 -18.47 -16.61 -16.07
C ARG B 387 -17.41 -15.55 -15.80
N THR B 388 -16.40 -15.89 -14.98
CA THR B 388 -15.48 -14.88 -14.45
C THR B 388 -14.41 -14.42 -15.43
N ASP B 389 -14.12 -15.16 -16.49
CA ASP B 389 -12.96 -14.90 -17.35
C ASP B 389 -11.63 -15.02 -16.59
N ASP B 390 -11.61 -15.72 -15.46
CA ASP B 390 -10.39 -15.97 -14.73
C ASP B 390 -9.92 -17.40 -15.03
N ARG B 391 -8.69 -17.52 -15.52
CA ARG B 391 -8.09 -18.84 -15.72
C ARG B 391 -7.77 -19.44 -14.36
N ALA B 392 -8.07 -20.73 -14.19
CA ALA B 392 -8.00 -21.31 -12.85
C ALA B 392 -7.79 -22.81 -12.94
N THR B 393 -7.53 -23.40 -11.78
CA THR B 393 -7.39 -24.84 -11.65
C THR B 393 -7.68 -25.19 -10.19
N TYR B 394 -7.60 -26.47 -9.88
CA TYR B 394 -7.65 -26.94 -8.50
C TYR B 394 -6.25 -27.38 -8.10
N ASP B 395 -5.94 -27.24 -6.81
CA ASP B 395 -4.71 -27.85 -6.35
C ASP B 395 -5.02 -29.22 -5.76
N GLN B 396 -3.95 -29.88 -5.30
CA GLN B 396 -4.06 -31.25 -4.79
C GLN B 396 -4.96 -31.34 -3.57
N ASP B 397 -5.09 -30.25 -2.81
CA ASP B 397 -5.95 -30.22 -1.64
C ASP B 397 -7.29 -29.55 -1.92
N ARG B 398 -7.71 -29.53 -3.17
CA ARG B 398 -9.08 -29.20 -3.59
C ARG B 398 -9.46 -27.75 -3.35
N ASN B 399 -8.47 -26.88 -3.18
CA ASN B 399 -8.68 -25.43 -3.28
C ASN B 399 -8.69 -24.99 -4.73
N ILE B 400 -9.38 -23.91 -4.99
CA ILE B 400 -9.34 -23.27 -6.30
C ILE B 400 -8.16 -22.30 -6.36
N VAL B 401 -7.47 -22.28 -7.49
CA VAL B 401 -6.29 -21.44 -7.70
C VAL B 401 -6.50 -20.66 -9.00
N LEU B 402 -6.48 -19.34 -8.91
CA LEU B 402 -6.34 -18.52 -10.11
C LEU B 402 -4.88 -18.52 -10.55
N VAL B 403 -4.67 -18.77 -11.83
CA VAL B 403 -3.32 -18.97 -12.34
C VAL B 403 -2.87 -17.82 -13.22
N GLY B 404 -3.75 -16.88 -13.50
CA GLY B 404 -3.36 -15.74 -14.32
C GLY B 404 -3.65 -15.93 -15.81
N ARG B 405 -3.83 -14.80 -16.50
CA ARG B 405 -4.18 -14.76 -17.94
C ARG B 405 -3.03 -15.28 -18.79
N10 QXG C . 13.62 -5.88 -6.08
C02 QXG C . 11.96 -4.37 -8.90
C04 QXG C . 11.60 -6.72 -9.00
C06 QXG C . 12.83 -5.93 -7.25
C07 QXG C . 12.74 -4.58 -7.70
C09 QXG C . 13.95 -4.52 -5.85
C11 QXG C . 13.96 -7.02 -5.31
C13 QXG C . 15.75 -6.97 -3.81
C14 QXG C . 16.50 -5.94 -2.96
C20 QXG C . 15.59 -2.31 -2.01
C22 QXG C . 16.02 -0.92 -2.47
C23 QXG C . 17.36 -0.52 -2.23
C24 QXG C . 17.81 0.75 -2.62
C25 QXG C . 16.91 1.63 -3.25
C26 QXG C . 15.59 1.24 -3.51
C28 QXG C . 15.10 -0.07 -3.10
C30 QXG C . 16.36 -7.16 -5.21
C32 QXG C . 15.15 -7.79 -5.95
N01 QXG C . 11.77 -3.09 -9.47
N03 QXG C . 11.42 -5.44 -9.53
N05 QXG C . 12.30 -7.04 -7.87
N08 QXG C . 13.41 -3.72 -6.82
N15 QXG C . 15.77 -5.47 -1.84
N19 QXG C . 16.59 -3.01 -1.28
N29 QXG C . 13.76 -0.42 -3.35
O12 QXG C . 14.48 -6.43 -4.03
O17 QXG C . 15.48 -4.41 0.43
O18 QXG C . 17.66 -5.02 -0.30
O21 QXG C . 14.56 -2.81 -2.23
O27 QXG C . 14.76 2.10 -4.11
O31 QXG C . 17.47 -8.03 -5.22
O33 QXG C . 15.05 -9.14 -5.45
S16 QXG C . 16.38 -4.48 -0.69
BR BR D . 1.48 -7.29 -4.59
BR BR D . 1.59 -5.50 -6.62
CL CL E . 26.54 -9.96 7.72
CL CL F . 20.87 30.43 -4.49
CL CL G . 10.01 -5.20 22.57
CL CL H . 19.78 -18.30 8.54
N1 EPE I . -21.24 3.58 -21.99
C2 EPE I . -21.44 4.95 -22.45
C3 EPE I . -22.83 5.49 -22.09
N4 EPE I . -23.88 4.59 -22.55
C5 EPE I . -23.70 3.25 -22.02
C6 EPE I . -22.33 2.69 -22.38
C7 EPE I . -25.23 5.07 -22.25
C8 EPE I . -25.25 6.44 -21.58
O8 EPE I . -25.30 6.28 -20.18
C9 EPE I . -19.99 3.07 -22.52
C10 EPE I . -19.60 1.81 -21.76
S EPE I . -18.06 1.14 -22.43
O1S EPE I . -17.51 0.06 -21.54
O2S EPE I . -18.32 0.37 -23.71
O3S EPE I . -17.06 2.26 -22.66
N10 QXG J . -9.38 -11.01 -8.24
C02 QXG J . -7.38 -12.75 -5.83
C04 QXG J . -6.34 -12.92 -7.97
C06 QXG J . -8.28 -11.76 -7.85
C07 QXG J . -8.43 -11.97 -6.44
C09 QXG J . -10.17 -10.77 -7.09
C11 QXG J . -9.58 -10.59 -9.59
C13 QXG J . -11.59 -9.74 -10.32
C14 QXG J . -12.84 -9.04 -9.83
C20 QXG J . -13.49 -7.42 -6.39
C22 QXG J . -14.19 -7.85 -5.08
C23 QXG J . -15.61 -8.01 -5.08
C24 QXG J . -16.32 -8.37 -3.92
C25 QXG J . -15.57 -8.52 -2.72
C26 QXG J . -14.17 -8.34 -2.70
C28 QXG J . -13.44 -7.97 -3.90
C30 QXG J . -11.74 -11.29 -10.30
C32 QXG J . -10.26 -11.69 -10.42
N01 QXG J . -7.36 -13.06 -4.45
N03 QXG J . -6.36 -13.21 -6.62
N05 QXG J . -7.27 -12.22 -8.65
N08 QXG J . -9.60 -11.35 -6.00
N15 QXG J . -12.66 -7.65 -9.44
N19 QXG J . -14.35 -7.24 -7.47
N29 QXG J . -12.04 -7.80 -3.87
O12 QXG J . -10.56 -9.47 -9.45
O17 QXG J . -13.42 -5.38 -8.81
O18 QXG J . -14.99 -6.90 -9.80
O21 QXG J . -12.35 -7.24 -6.53
O27 QXG J . -13.50 -8.50 -1.55
O31 QXG J . -12.51 -11.77 -11.36
O33 QXG J . -9.88 -11.41 -11.77
S16 QXG J . -13.90 -6.74 -8.89
C1 PEG K . -13.28 -23.23 -20.33
O1 PEG K . -12.47 -22.27 -20.87
C2 PEG K . -14.73 -22.80 -20.55
O2 PEG K . -14.96 -22.66 -21.92
C3 PEG K . -16.28 -22.99 -22.29
C4 PEG K . -16.48 -22.61 -23.78
O4 PEG K . -17.76 -22.11 -23.92
CL CL L . -15.39 8.72 2.56
#